data_2I2W
#
_entry.id   2I2W
#
_cell.length_a   83.930
_cell.length_b   89.610
_cell.length_c   106.910
_cell.angle_alpha   90.00
_cell.angle_beta   90.00
_cell.angle_gamma   90.00
#
_symmetry.space_group_name_H-M   'P 21 21 21'
#
loop_
_entity.id
_entity.type
_entity.pdbx_description
1 polymer 'Phosphoheptose isomerase'
2 non-polymer GLYCEROL
3 water water
#
_entity_poly.entity_id   1
_entity_poly.type   'polypeptide(L)'
_entity_poly.pdbx_seq_one_letter_code
;MGSSHHHHHHSSGLVPRGSHMYQDLIRNELNEAAETLANFLKDDANIHAIQRAAVLLADSFKAGGKVLSCGNGGSHCDAM
HFAEELTGRYRENRPGYPAIAISDVSHISCVGNDFGFNDIFSRYVEAVGREGDVLLGISTSGNSANVIKAIAAAREKGMK
VITLTGKDGGKMAGTADIEIRVPHFGYADRIQEIHIKVIHILIQLIEKEMVK
;
_entity_poly.pdbx_strand_id   A,B,C,D
#
# COMPACT_ATOMS: atom_id res chain seq x y z
N MET A 21 16.53 5.66 34.85
CA MET A 21 17.46 4.58 34.50
C MET A 21 16.69 3.22 34.29
N TYR A 22 16.84 2.60 33.12
CA TYR A 22 16.04 1.45 32.71
C TYR A 22 16.98 0.33 32.24
N GLN A 23 18.18 0.35 32.78
CA GLN A 23 19.07 -0.63 32.38
C GLN A 23 18.71 -2.03 32.82
N ASP A 24 18.26 -2.17 34.08
CA ASP A 24 17.63 -3.41 34.50
C ASP A 24 16.53 -3.93 33.71
N LEU A 25 15.64 -3.02 33.35
CA LEU A 25 14.55 -3.37 32.48
C LEU A 25 15.07 -3.92 31.04
N ILE A 26 15.96 -3.13 30.43
CA ILE A 26 16.56 -3.62 29.20
C ILE A 26 17.17 -4.95 29.28
N ARG A 27 18.05 -5.18 30.27
CA ARG A 27 18.65 -6.49 30.46
C ARG A 27 17.71 -7.52 30.82
N ASN A 28 16.63 -7.24 31.60
CA ASN A 28 15.68 -8.30 31.80
C ASN A 28 14.95 -8.80 30.62
N GLU A 29 14.54 -7.87 29.75
CA GLU A 29 13.88 -8.22 28.49
C GLU A 29 14.80 -9.12 27.66
N LEU A 30 16.03 -8.70 27.50
CA LEU A 30 16.96 -9.40 26.63
C LEU A 30 17.26 -10.82 27.20
N ASN A 31 17.38 -10.87 28.55
CA ASN A 31 17.57 -12.15 29.22
C ASN A 31 16.38 -13.02 29.04
N GLU A 32 15.19 -12.43 29.08
CA GLU A 32 14.01 -13.27 28.91
C GLU A 32 14.06 -13.83 27.47
N ALA A 33 14.48 -13.01 26.47
CA ALA A 33 14.51 -13.54 25.10
C ALA A 33 15.54 -14.67 25.03
N ALA A 34 16.62 -14.57 25.80
CA ALA A 34 17.65 -15.60 25.78
C ALA A 34 17.14 -16.93 26.40
N GLU A 35 16.31 -16.83 27.45
CA GLU A 35 15.62 -18.05 28.01
C GLU A 35 14.61 -18.63 27.05
N THR A 36 13.86 -17.76 26.34
CA THR A 36 12.97 -18.24 25.32
C THR A 36 13.68 -19.00 24.27
N LEU A 37 14.79 -18.47 23.77
CA LEU A 37 15.49 -19.13 22.70
C LEU A 37 16.03 -20.49 23.22
N ALA A 38 16.57 -20.44 24.44
CA ALA A 38 17.13 -21.62 25.06
C ALA A 38 16.08 -22.73 25.18
N ASN A 39 14.95 -22.35 25.76
CA ASN A 39 13.78 -23.26 25.85
C ASN A 39 13.32 -23.79 24.53
N PHE A 40 13.46 -22.96 23.50
CA PHE A 40 13.05 -23.35 22.23
C PHE A 40 14.00 -24.45 21.57
N LEU A 41 15.31 -24.13 21.52
CA LEU A 41 16.28 -25.01 21.00
C LEU A 41 16.43 -26.27 21.74
N LYS A 42 15.87 -26.42 22.97
CA LYS A 42 16.20 -27.60 23.78
C LYS A 42 15.26 -28.75 23.34
N ASP A 43 13.98 -28.40 23.08
CA ASP A 43 13.05 -29.38 22.55
C ASP A 43 13.30 -29.88 21.10
N ASP A 44 13.71 -31.15 20.96
CA ASP A 44 13.85 -31.81 19.65
C ASP A 44 12.68 -31.66 18.66
N ALA A 45 11.45 -31.69 19.18
CA ALA A 45 10.30 -31.71 18.42
C ALA A 45 10.29 -30.37 17.68
N ASN A 46 10.75 -29.24 18.27
CA ASN A 46 10.68 -27.98 17.59
C ASN A 46 11.69 -28.03 16.42
N ILE A 47 12.82 -28.66 16.66
CA ILE A 47 13.82 -28.65 15.65
C ILE A 47 13.31 -29.49 14.48
N HIS A 48 12.75 -30.67 14.76
CA HIS A 48 12.19 -31.52 13.73
C HIS A 48 11.01 -30.88 13.00
N ALA A 49 10.16 -30.11 13.73
CA ALA A 49 8.98 -29.45 13.12
C ALA A 49 9.51 -28.46 11.99
N ILE A 50 10.62 -27.80 12.30
CA ILE A 50 11.17 -26.71 11.36
C ILE A 50 11.66 -27.47 10.10
N GLN A 51 12.41 -28.57 10.30
CA GLN A 51 12.83 -29.33 9.12
C GLN A 51 11.70 -29.87 8.23
N ARG A 52 10.71 -30.45 8.84
CA ARG A 52 9.53 -30.88 8.14
C ARG A 52 8.82 -29.79 7.39
N ALA A 53 8.68 -28.62 8.01
CA ALA A 53 8.09 -27.43 7.38
C ALA A 53 8.82 -27.11 6.09
N ALA A 54 10.14 -27.02 6.16
CA ALA A 54 10.98 -26.54 5.08
C ALA A 54 10.84 -27.54 3.92
N VAL A 55 10.82 -28.85 4.27
CA VAL A 55 10.60 -29.94 3.25
C VAL A 55 9.26 -29.91 2.54
N LEU A 56 8.24 -29.63 3.32
CA LEU A 56 6.96 -29.45 2.74
C LEU A 56 6.82 -28.30 1.78
N LEU A 57 7.37 -27.17 2.18
CA LEU A 57 7.31 -26.03 1.39
C LEU A 57 8.00 -26.29 0.07
N ALA A 58 9.24 -26.81 0.16
CA ALA A 58 10.08 -27.02 -1.07
C ALA A 58 9.44 -28.14 -1.98
N ASP A 59 8.74 -29.10 -1.39
CA ASP A 59 8.10 -30.23 -2.18
C ASP A 59 7.00 -29.60 -2.97
N SER A 60 6.28 -28.72 -2.25
CA SER A 60 5.20 -28.01 -2.81
C SER A 60 5.58 -27.04 -4.02
N PHE A 61 6.66 -26.27 -3.90
CA PHE A 61 7.12 -25.43 -4.95
C PHE A 61 7.46 -26.34 -6.09
N LYS A 62 8.18 -27.40 -5.76
CA LYS A 62 8.63 -28.35 -6.82
C LYS A 62 7.49 -28.99 -7.62
N ALA A 63 6.32 -29.05 -7.04
CA ALA A 63 5.18 -29.57 -7.65
C ALA A 63 4.40 -28.39 -8.31
N GLY A 64 5.04 -27.21 -8.36
CA GLY A 64 4.36 -26.04 -8.97
C GLY A 64 3.37 -25.34 -8.00
N GLY A 65 3.43 -25.64 -6.71
CA GLY A 65 2.53 -24.92 -5.79
C GLY A 65 3.13 -23.62 -5.22
N LYS A 66 2.31 -22.84 -4.54
CA LYS A 66 2.77 -21.64 -3.91
C LYS A 66 2.36 -21.63 -2.46
N VAL A 67 2.94 -20.74 -1.67
CA VAL A 67 2.53 -20.62 -0.22
C VAL A 67 1.92 -19.23 -0.04
N LEU A 68 0.84 -19.16 0.73
CA LEU A 68 0.25 -17.93 1.14
C LEU A 68 0.61 -17.80 2.57
N SER A 69 1.23 -16.64 2.92
CA SER A 69 1.53 -16.34 4.30
C SER A 69 0.64 -15.34 4.92
N CYS A 70 0.37 -15.47 6.23
CA CYS A 70 -0.44 -14.37 6.79
C CYS A 70 -0.12 -14.24 8.30
N GLY A 71 -0.37 -13.06 8.92
CA GLY A 71 -0.11 -12.93 10.34
C GLY A 71 -0.67 -11.57 10.66
N ASN A 72 -0.95 -11.35 11.89
CA ASN A 72 -1.48 -9.97 12.35
C ASN A 72 -0.44 -9.19 13.06
N GLY A 73 -0.53 -7.84 13.05
CA GLY A 73 0.37 -7.13 13.96
C GLY A 73 1.84 -7.29 13.35
N GLY A 74 2.75 -7.48 14.28
CA GLY A 74 4.11 -7.70 13.99
C GLY A 74 4.29 -8.96 13.20
N SER A 75 3.37 -9.93 13.31
CA SER A 75 3.51 -11.15 12.57
C SER A 75 3.23 -10.93 11.11
N HIS A 76 2.59 -9.82 10.78
CA HIS A 76 2.34 -9.62 9.35
C HIS A 76 3.64 -9.34 8.65
N CYS A 77 4.57 -8.69 9.35
CA CYS A 77 5.90 -8.46 8.79
C CYS A 77 6.64 -9.72 8.60
N ASP A 78 6.45 -10.68 9.51
CA ASP A 78 7.15 -11.97 9.33
C ASP A 78 6.61 -12.68 8.07
N ALA A 79 5.27 -12.57 7.88
CA ALA A 79 4.60 -13.24 6.76
C ALA A 79 5.17 -12.57 5.51
N MET A 80 5.40 -11.26 5.55
CA MET A 80 5.91 -10.52 4.41
C MET A 80 7.34 -10.87 4.04
N HIS A 81 8.24 -10.92 5.02
CA HIS A 81 9.61 -11.21 4.71
C HIS A 81 9.74 -12.57 4.20
N PHE A 82 8.99 -13.50 4.81
CA PHE A 82 9.07 -14.88 4.29
C PHE A 82 8.63 -14.96 2.75
N ALA A 83 7.50 -14.38 2.39
CA ALA A 83 7.04 -14.41 0.95
C ALA A 83 7.97 -13.67 0.00
N GLU A 84 8.44 -12.51 0.40
CA GLU A 84 9.23 -11.70 -0.52
C GLU A 84 10.63 -12.34 -0.69
N GLU A 85 11.19 -12.95 0.38
CA GLU A 85 12.48 -13.74 0.26
C GLU A 85 12.31 -14.90 -0.63
N LEU A 86 11.26 -15.71 -0.45
CA LEU A 86 11.05 -16.83 -1.39
C LEU A 86 10.75 -16.45 -2.83
N THR A 87 9.92 -15.41 -2.98
CA THR A 87 9.68 -14.89 -4.36
C THR A 87 10.86 -14.32 -5.07
N GLY A 88 11.67 -13.54 -4.32
CA GLY A 88 12.86 -12.94 -4.89
C GLY A 88 13.85 -14.01 -5.36
N ARG A 89 13.89 -15.18 -4.65
CA ARG A 89 14.78 -16.31 -4.95
C ARG A 89 14.32 -17.19 -6.00
N TYR A 90 13.04 -17.42 -6.15
CA TYR A 90 12.62 -18.52 -7.05
C TYR A 90 11.74 -18.06 -8.16
N ARG A 91 11.71 -16.76 -8.48
CA ARG A 91 10.75 -16.30 -9.50
C ARG A 91 11.29 -16.68 -10.90
N GLU A 92 12.62 -16.74 -11.07
CA GLU A 92 13.26 -16.92 -12.40
C GLU A 92 12.85 -18.21 -12.98
N ASN A 93 12.57 -18.27 -14.27
CA ASN A 93 12.19 -19.55 -14.97
C ASN A 93 10.98 -20.34 -14.32
N ARG A 94 10.17 -19.63 -13.50
CA ARG A 94 8.92 -20.19 -12.91
C ARG A 94 7.72 -19.24 -13.15
N PRO A 95 6.51 -19.79 -13.56
CA PRO A 95 5.26 -19.02 -13.69
C PRO A 95 4.84 -18.43 -12.33
N GLY A 96 4.07 -17.35 -12.30
CA GLY A 96 3.41 -16.96 -11.02
C GLY A 96 4.35 -16.48 -9.98
N TYR A 97 3.95 -16.69 -8.74
CA TYR A 97 4.74 -16.33 -7.55
C TYR A 97 4.80 -17.61 -6.65
N PRO A 98 6.00 -17.93 -6.20
CA PRO A 98 6.20 -19.03 -5.28
C PRO A 98 5.53 -18.69 -3.90
N ALA A 99 5.44 -17.43 -3.55
CA ALA A 99 4.95 -17.15 -2.23
C ALA A 99 4.25 -15.75 -2.26
N ILE A 100 3.10 -15.62 -1.52
CA ILE A 100 2.48 -14.34 -1.50
C ILE A 100 2.04 -14.07 0.01
N ALA A 101 2.30 -12.89 0.55
CA ALA A 101 1.81 -12.53 1.87
C ALA A 101 0.48 -11.92 1.71
N ILE A 102 -0.50 -12.59 2.32
CA ILE A 102 -1.86 -12.09 2.16
C ILE A 102 -2.01 -10.72 2.76
N SER A 103 -2.70 -9.80 2.00
CA SER A 103 -2.84 -8.47 2.49
C SER A 103 -4.33 -8.12 2.36
N ASP A 104 -4.67 -6.97 3.01
CA ASP A 104 -6.08 -6.50 3.04
C ASP A 104 -6.44 -5.81 1.71
N VAL A 105 -6.51 -6.58 0.62
CA VAL A 105 -6.83 -6.00 -0.68
C VAL A 105 -8.08 -5.15 -0.76
N SER A 106 -9.10 -5.55 -0.01
CA SER A 106 -10.39 -4.78 -0.10
C SER A 106 -10.54 -3.80 1.04
N HIS A 107 -9.47 -3.59 1.86
CA HIS A 107 -9.49 -2.52 2.91
C HIS A 107 -10.56 -2.72 4.01
N ILE A 108 -10.82 -4.00 4.26
CA ILE A 108 -11.79 -4.43 5.29
C ILE A 108 -11.34 -3.98 6.71
N SER A 109 -10.05 -4.00 7.02
CA SER A 109 -9.59 -3.44 8.25
C SER A 109 -9.56 -1.90 8.38
N CYS A 110 -10.13 -1.19 7.42
CA CYS A 110 -10.12 0.27 7.41
C CYS A 110 -11.32 0.81 8.17
N VAL A 111 -11.92 -0.01 9.02
CA VAL A 111 -12.95 0.45 9.97
C VAL A 111 -12.20 0.52 11.30
N GLY A 112 -10.92 0.17 11.30
CA GLY A 112 -10.22 0.25 12.53
C GLY A 112 -10.60 -0.89 13.50
N ASN A 113 -10.24 -0.82 14.79
CA ASN A 113 -10.57 -1.85 15.82
C ASN A 113 -10.27 -3.26 15.31
N ASP A 114 -9.11 -3.43 14.71
CA ASP A 114 -8.87 -4.76 14.17
C ASP A 114 -8.32 -5.75 15.18
N PHE A 115 -9.15 -6.71 15.60
CA PHE A 115 -8.72 -7.78 16.47
C PHE A 115 -8.31 -9.04 15.76
N GLY A 116 -8.23 -8.96 14.43
CA GLY A 116 -8.03 -10.21 13.78
C GLY A 116 -9.31 -11.00 13.38
N PHE A 117 -10.49 -10.51 13.79
CA PHE A 117 -11.65 -11.36 13.66
C PHE A 117 -12.25 -10.89 12.37
N ASN A 118 -11.86 -11.46 11.26
CA ASN A 118 -12.28 -10.94 9.93
C ASN A 118 -12.03 -12.10 8.88
N ASP A 119 -12.42 -11.86 7.63
CA ASP A 119 -12.26 -12.86 6.59
C ASP A 119 -11.24 -12.32 5.56
N ILE A 120 -10.26 -11.49 6.02
CA ILE A 120 -9.18 -11.04 5.08
C ILE A 120 -8.31 -12.21 4.59
N PHE A 121 -7.94 -13.12 5.51
CA PHE A 121 -7.08 -14.21 5.11
C PHE A 121 -7.89 -15.31 4.42
N SER A 122 -9.06 -15.72 4.98
CA SER A 122 -9.83 -16.78 4.27
C SER A 122 -10.37 -16.35 2.93
N ARG A 123 -10.77 -15.07 2.81
CA ARG A 123 -11.14 -14.54 1.39
C ARG A 123 -10.08 -14.67 0.37
N TYR A 124 -8.87 -14.38 0.89
CA TYR A 124 -7.79 -14.41 -0.03
C TYR A 124 -7.48 -15.92 -0.47
N VAL A 125 -7.51 -16.88 0.45
CA VAL A 125 -7.36 -18.21 0.13
C VAL A 125 -8.43 -18.70 -0.79
N GLU A 126 -9.63 -18.28 -0.53
CA GLU A 126 -10.71 -18.66 -1.41
C GLU A 126 -10.51 -18.14 -2.84
N ALA A 127 -9.99 -16.94 -2.99
CA ALA A 127 -9.87 -16.34 -4.32
C ALA A 127 -8.69 -16.84 -5.05
N VAL A 128 -7.62 -17.31 -4.43
CA VAL A 128 -6.39 -17.62 -5.24
C VAL A 128 -5.84 -19.05 -4.90
N GLY A 129 -6.24 -19.66 -3.83
CA GLY A 129 -5.62 -20.99 -3.37
C GLY A 129 -5.92 -22.10 -4.44
N ARG A 130 -5.04 -23.09 -4.56
CA ARG A 130 -5.26 -24.21 -5.40
C ARG A 130 -4.80 -25.43 -4.67
N GLU A 131 -5.26 -26.57 -5.11
CA GLU A 131 -4.92 -27.80 -4.44
C GLU A 131 -3.40 -28.00 -4.53
N GLY A 132 -2.71 -28.38 -3.48
CA GLY A 132 -1.27 -28.37 -3.65
C GLY A 132 -0.52 -27.22 -3.09
N ASP A 133 -1.22 -26.12 -2.86
CA ASP A 133 -0.60 -24.88 -2.32
C ASP A 133 -0.48 -25.06 -0.84
N VAL A 134 0.25 -24.13 -0.23
CA VAL A 134 0.54 -24.17 1.25
C VAL A 134 0.03 -22.91 1.95
N LEU A 135 -0.58 -23.05 3.10
CA LEU A 135 -0.84 -21.88 3.94
C LEU A 135 0.16 -21.85 5.12
N LEU A 136 0.80 -20.69 5.35
CA LEU A 136 1.68 -20.57 6.49
C LEU A 136 0.86 -19.57 7.40
N GLY A 137 0.29 -20.05 8.50
CA GLY A 137 -0.50 -19.15 9.30
C GLY A 137 0.25 -18.81 10.61
N ILE A 138 0.47 -17.51 10.85
CA ILE A 138 1.30 -17.09 12.00
C ILE A 138 0.39 -16.50 13.03
N SER A 139 0.56 -16.92 14.26
CA SER A 139 -0.34 -16.46 15.35
C SER A 139 0.38 -16.71 16.66
N THR A 140 0.85 -15.64 17.33
CA THR A 140 1.61 -15.85 18.50
C THR A 140 0.76 -16.49 19.64
N SER A 141 -0.57 -16.34 19.64
CA SER A 141 -1.45 -16.94 20.66
C SER A 141 -2.14 -18.22 20.15
N GLY A 142 -2.21 -18.46 18.82
CA GLY A 142 -2.89 -19.66 18.29
C GLY A 142 -4.41 -19.33 18.36
N ASN A 143 -4.76 -18.07 18.67
CA ASN A 143 -6.20 -17.79 18.73
C ASN A 143 -6.73 -16.86 17.66
N SER A 144 -5.85 -16.31 16.88
CA SER A 144 -6.27 -15.42 15.79
C SER A 144 -7.42 -15.89 14.92
N ALA A 145 -8.53 -15.17 15.00
CA ALA A 145 -9.78 -15.72 14.29
C ALA A 145 -9.56 -15.75 12.79
N ASN A 146 -8.96 -14.71 12.22
CA ASN A 146 -8.67 -14.65 10.72
C ASN A 146 -7.76 -15.79 10.30
N VAL A 147 -6.84 -16.21 11.14
CA VAL A 147 -5.97 -17.29 10.78
C VAL A 147 -6.67 -18.61 10.85
N ILE A 148 -7.59 -18.74 11.84
CA ILE A 148 -8.39 -19.97 11.91
C ILE A 148 -9.29 -20.11 10.75
N LYS A 149 -9.83 -19.00 10.31
CA LYS A 149 -10.73 -19.06 9.08
C LYS A 149 -9.92 -19.39 7.80
N ALA A 150 -8.64 -18.95 7.72
CA ALA A 150 -7.84 -19.23 6.52
C ALA A 150 -7.48 -20.68 6.50
N ILE A 151 -7.23 -21.28 7.69
CA ILE A 151 -6.93 -22.74 7.74
C ILE A 151 -8.13 -23.53 7.27
N ALA A 152 -9.32 -23.08 7.58
CA ALA A 152 -10.52 -23.82 7.10
C ALA A 152 -10.62 -23.63 5.57
N ALA A 153 -10.32 -22.44 5.07
CA ALA A 153 -10.46 -22.21 3.63
C ALA A 153 -9.43 -23.03 2.97
N ALA A 154 -8.22 -23.08 3.57
CA ALA A 154 -7.14 -23.87 3.00
C ALA A 154 -7.60 -25.33 2.83
N ARG A 155 -8.17 -25.88 3.89
CA ARG A 155 -8.61 -27.34 3.88
C ARG A 155 -9.59 -27.51 2.71
N GLU A 156 -10.51 -26.57 2.55
CA GLU A 156 -11.51 -26.69 1.47
C GLU A 156 -10.84 -26.65 0.13
N LYS A 157 -9.70 -25.93 0.08
CA LYS A 157 -8.99 -25.78 -1.19
C LYS A 157 -8.07 -26.97 -1.48
N GLY A 158 -7.94 -27.90 -0.52
CA GLY A 158 -6.96 -28.97 -0.59
C GLY A 158 -5.48 -28.57 -0.37
N MET A 159 -5.17 -27.53 0.44
CA MET A 159 -3.85 -27.04 0.62
C MET A 159 -3.34 -27.60 1.96
N LYS A 160 -2.03 -27.89 2.06
CA LYS A 160 -1.49 -28.29 3.32
C LYS A 160 -1.28 -27.00 4.22
N VAL A 161 -1.09 -27.21 5.52
CA VAL A 161 -1.14 -26.03 6.47
C VAL A 161 0.07 -26.18 7.47
N ILE A 162 0.84 -25.08 7.53
CA ILE A 162 1.96 -24.89 8.43
C ILE A 162 1.59 -23.70 9.35
N THR A 163 1.78 -23.82 10.68
CA THR A 163 1.56 -22.68 11.56
C THR A 163 2.69 -22.39 12.46
N LEU A 164 2.94 -21.11 12.70
CA LEU A 164 3.97 -20.73 13.62
C LEU A 164 3.21 -20.14 14.79
N THR A 165 3.34 -20.75 15.95
CA THR A 165 2.52 -20.29 17.04
C THR A 165 3.29 -20.10 18.36
N GLY A 166 2.53 -19.97 19.50
CA GLY A 166 3.16 -19.73 20.76
C GLY A 166 2.22 -20.28 21.81
N LYS A 167 2.53 -20.05 23.08
CA LYS A 167 1.81 -20.53 24.28
C LYS A 167 1.54 -22.02 24.22
N ASP A 168 0.26 -22.37 24.42
CA ASP A 168 -0.26 -23.69 24.32
C ASP A 168 -0.78 -23.98 22.89
N GLY A 169 -0.59 -23.08 21.94
CA GLY A 169 -1.09 -23.37 20.57
C GLY A 169 -2.57 -22.86 20.43
N GLY A 170 -3.24 -22.48 21.52
CA GLY A 170 -4.62 -21.87 21.49
C GLY A 170 -5.64 -22.76 20.73
N LYS A 171 -6.58 -22.16 20.04
CA LYS A 171 -7.56 -22.94 19.35
C LYS A 171 -7.09 -23.56 18.04
N MET A 172 -5.94 -23.09 17.48
CA MET A 172 -5.41 -23.69 16.31
C MET A 172 -4.68 -24.93 16.64
N ALA A 173 -4.43 -25.29 17.92
CA ALA A 173 -3.68 -26.54 18.29
C ALA A 173 -4.24 -27.75 17.59
N GLY A 174 -3.46 -28.55 16.85
CA GLY A 174 -4.11 -29.73 16.23
C GLY A 174 -4.72 -29.55 14.84
N THR A 175 -4.91 -28.25 14.35
CA THR A 175 -5.50 -28.02 13.11
C THR A 175 -4.49 -27.92 11.94
N ALA A 176 -3.17 -27.90 12.23
CA ALA A 176 -2.16 -27.69 11.20
C ALA A 176 -1.56 -28.99 10.80
N ASP A 177 -1.10 -29.11 9.59
CA ASP A 177 -0.28 -30.32 9.21
C ASP A 177 1.07 -30.33 10.02
N ILE A 178 1.68 -29.17 10.14
CA ILE A 178 2.91 -29.00 10.80
C ILE A 178 2.82 -27.67 11.67
N GLU A 179 3.12 -27.79 12.98
CA GLU A 179 3.06 -26.67 13.89
C GLU A 179 4.39 -26.50 14.51
N ILE A 180 4.84 -25.31 14.40
CA ILE A 180 6.07 -24.83 15.10
C ILE A 180 5.68 -23.87 16.21
N ARG A 181 5.73 -24.38 17.42
CA ARG A 181 5.23 -23.74 18.59
C ARG A 181 6.30 -23.29 19.60
N VAL A 182 6.20 -22.03 19.97
CA VAL A 182 7.20 -21.41 20.84
C VAL A 182 6.59 -21.43 22.23
N PRO A 183 7.30 -22.11 23.14
CA PRO A 183 6.89 -22.33 24.53
C PRO A 183 7.01 -21.08 25.45
N HIS A 184 6.27 -20.02 25.11
CA HIS A 184 6.34 -18.81 25.94
C HIS A 184 4.93 -18.49 26.23
N PHE A 185 4.65 -18.10 27.45
CA PHE A 185 3.28 -17.84 27.80
C PHE A 185 2.97 -16.44 28.20
N GLY A 186 3.88 -15.51 28.11
CA GLY A 186 3.46 -14.16 28.39
C GLY A 186 3.10 -13.40 27.14
N TYR A 187 3.64 -12.17 26.98
CA TYR A 187 3.32 -11.25 25.83
C TYR A 187 3.92 -11.80 24.49
N ALA A 188 3.41 -11.23 23.43
CA ALA A 188 3.71 -11.63 22.02
C ALA A 188 5.18 -11.35 21.62
N ASP A 189 5.81 -10.37 22.22
CA ASP A 189 7.20 -9.98 21.77
C ASP A 189 8.18 -11.14 21.71
N ARG A 190 8.20 -11.92 22.80
CA ARG A 190 9.16 -12.98 22.86
C ARG A 190 8.88 -14.03 21.82
N ILE A 191 7.59 -14.21 21.56
CA ILE A 191 7.22 -15.28 20.61
C ILE A 191 7.49 -14.87 19.12
N GLN A 192 7.17 -13.59 18.81
CA GLN A 192 7.51 -13.05 17.48
C GLN A 192 9.03 -13.08 17.16
N GLU A 193 9.85 -12.82 18.20
CA GLU A 193 11.28 -12.86 18.03
C GLU A 193 11.78 -14.22 17.69
N ILE A 194 11.15 -15.27 18.16
CA ILE A 194 11.61 -16.64 17.71
C ILE A 194 11.09 -17.03 16.31
N HIS A 195 9.83 -16.57 16.01
CA HIS A 195 9.26 -16.76 14.68
C HIS A 195 10.09 -16.19 13.61
N ILE A 196 10.63 -14.97 13.78
CA ILE A 196 11.43 -14.42 12.61
C ILE A 196 12.80 -15.28 12.52
N LYS A 197 13.29 -15.85 13.62
CA LYS A 197 14.47 -16.71 13.56
C LYS A 197 14.06 -17.98 12.83
N VAL A 198 12.86 -18.55 13.11
CA VAL A 198 12.42 -19.72 12.40
C VAL A 198 12.30 -19.46 10.92
N ILE A 199 11.71 -18.34 10.52
CA ILE A 199 11.63 -17.97 9.15
C ILE A 199 12.95 -17.80 8.44
N HIS A 200 13.94 -17.15 9.11
CA HIS A 200 15.28 -17.12 8.51
C HIS A 200 15.81 -18.50 8.24
N ILE A 201 15.60 -19.38 9.20
CA ILE A 201 16.08 -20.76 9.02
C ILE A 201 15.30 -21.60 7.92
N LEU A 202 13.96 -21.41 7.86
CA LEU A 202 13.13 -22.10 6.90
C LEU A 202 13.71 -21.67 5.55
N ILE A 203 13.90 -20.38 5.40
CA ILE A 203 14.34 -19.93 4.09
C ILE A 203 15.74 -20.61 3.72
N GLN A 204 16.68 -20.63 4.66
CA GLN A 204 17.95 -21.38 4.29
C GLN A 204 17.73 -22.90 4.01
N LEU A 205 16.84 -23.56 4.78
CA LEU A 205 16.62 -25.00 4.53
C LEU A 205 15.92 -25.19 3.23
N ILE A 206 15.13 -24.18 2.81
CA ILE A 206 14.42 -24.42 1.59
C ILE A 206 15.42 -24.24 0.43
N GLU A 207 16.46 -23.43 0.65
CA GLU A 207 17.36 -23.21 -0.41
C GLU A 207 18.15 -24.53 -0.61
N LYS A 208 18.41 -25.27 0.45
CA LYS A 208 19.09 -26.58 0.34
C LYS A 208 18.19 -27.55 -0.38
N GLU A 209 16.88 -27.61 -0.06
CA GLU A 209 15.95 -28.36 -0.83
C GLU A 209 15.82 -28.00 -2.28
N MET A 210 15.76 -26.75 -2.58
CA MET A 210 15.52 -26.25 -3.96
C MET A 210 16.67 -26.43 -5.00
N VAL A 211 17.85 -26.87 -4.55
CA VAL A 211 18.92 -27.22 -5.51
C VAL A 211 18.88 -28.73 -5.76
N LYS A 212 18.17 -29.44 -4.91
CA LYS A 212 18.13 -30.86 -5.02
C LYS A 212 16.94 -31.31 -5.95
N MET B 21 -3.06 35.29 -20.33
CA MET B 21 -4.19 34.41 -20.11
C MET B 21 -3.95 33.03 -20.72
N TYR B 22 -4.70 32.04 -20.24
CA TYR B 22 -4.56 30.66 -20.75
C TYR B 22 -6.00 30.22 -20.98
N GLN B 23 -6.91 31.19 -21.03
CA GLN B 23 -8.31 30.96 -21.19
C GLN B 23 -8.69 30.13 -22.38
N ASP B 24 -8.04 30.40 -23.51
CA ASP B 24 -8.32 29.61 -24.65
C ASP B 24 -7.81 28.22 -24.59
N LEU B 25 -6.58 28.09 -24.11
CA LEU B 25 -5.98 26.78 -23.82
C LEU B 25 -7.06 25.87 -23.05
N ILE B 26 -7.65 26.38 -21.95
CA ILE B 26 -8.59 25.62 -21.12
C ILE B 26 -9.75 25.25 -21.93
N ARG B 27 -10.35 26.23 -22.58
CA ARG B 27 -11.53 25.95 -23.45
C ARG B 27 -11.28 24.94 -24.56
N ASN B 28 -10.12 25.00 -25.12
CA ASN B 28 -9.82 24.09 -26.25
C ASN B 28 -9.78 22.62 -25.74
N GLU B 29 -9.12 22.44 -24.60
CA GLU B 29 -9.02 21.10 -24.00
C GLU B 29 -10.36 20.56 -23.66
N LEU B 30 -11.22 21.41 -23.04
CA LEU B 30 -12.59 21.00 -22.68
C LEU B 30 -13.36 20.67 -23.93
N ASN B 31 -13.22 21.48 -24.98
CA ASN B 31 -13.99 21.14 -26.23
C ASN B 31 -13.53 19.93 -26.84
N GLU B 32 -12.19 19.68 -26.77
CA GLU B 32 -11.66 18.44 -27.33
C GLU B 32 -12.30 17.26 -26.53
N ALA B 33 -12.38 17.37 -25.19
CA ALA B 33 -13.12 16.40 -24.41
C ALA B 33 -14.55 16.21 -24.86
N ALA B 34 -15.23 17.31 -25.21
CA ALA B 34 -16.59 17.21 -25.76
C ALA B 34 -16.65 16.46 -27.04
N GLU B 35 -15.76 16.76 -27.97
CA GLU B 35 -15.79 16.12 -29.26
C GLU B 35 -15.48 14.61 -29.09
N THR B 36 -14.47 14.33 -28.26
CA THR B 36 -14.12 12.92 -27.98
C THR B 36 -15.34 12.13 -27.52
N LEU B 37 -16.07 12.70 -26.56
CA LEU B 37 -17.33 12.12 -25.96
C LEU B 37 -18.35 12.03 -27.08
N ALA B 38 -18.50 13.05 -27.88
CA ALA B 38 -19.56 12.90 -28.94
C ALA B 38 -19.22 11.82 -29.93
N ASN B 39 -17.97 11.76 -30.31
CA ASN B 39 -17.46 10.68 -31.24
C ASN B 39 -17.64 9.34 -30.60
N PHE B 40 -17.41 9.20 -29.28
CA PHE B 40 -17.50 7.87 -28.66
C PHE B 40 -18.99 7.46 -28.60
N LEU B 41 -19.88 8.36 -28.15
CA LEU B 41 -21.29 7.98 -27.96
C LEU B 41 -22.09 7.78 -29.27
N LYS B 42 -21.64 8.35 -30.41
CA LYS B 42 -22.41 8.37 -31.63
C LYS B 42 -22.35 6.95 -32.23
N ASP B 43 -21.25 6.16 -31.99
CA ASP B 43 -20.99 4.86 -32.63
C ASP B 43 -21.63 3.81 -31.72
N ASP B 44 -22.74 3.23 -32.20
CA ASP B 44 -23.48 2.14 -31.56
C ASP B 44 -22.56 1.00 -31.13
N ALA B 45 -21.54 0.68 -31.95
CA ALA B 45 -20.61 -0.37 -31.53
C ALA B 45 -20.05 -0.12 -30.13
N ASN B 46 -19.75 1.11 -29.77
CA ASN B 46 -19.09 1.39 -28.44
C ASN B 46 -20.08 1.10 -27.31
N ILE B 47 -21.32 1.48 -27.59
CA ILE B 47 -22.46 1.41 -26.67
C ILE B 47 -22.74 -0.13 -26.41
N HIS B 48 -22.83 -0.96 -27.51
CA HIS B 48 -23.01 -2.37 -27.34
C HIS B 48 -21.89 -3.10 -26.60
N ALA B 49 -20.65 -2.68 -26.87
CA ALA B 49 -19.51 -3.28 -26.22
C ALA B 49 -19.59 -3.04 -24.69
N ILE B 50 -20.06 -1.84 -24.24
CA ILE B 50 -20.15 -1.58 -22.84
C ILE B 50 -21.18 -2.56 -22.20
N GLN B 51 -22.29 -2.81 -22.91
CA GLN B 51 -23.35 -3.70 -22.35
C GLN B 51 -22.81 -5.12 -22.30
N ARG B 52 -22.03 -5.57 -23.29
CA ARG B 52 -21.52 -6.93 -23.28
C ARG B 52 -20.50 -7.11 -22.20
N ALA B 53 -19.70 -6.10 -21.97
CA ALA B 53 -18.66 -6.25 -20.90
C ALA B 53 -19.35 -6.40 -19.56
N ALA B 54 -20.36 -5.64 -19.30
CA ALA B 54 -21.05 -5.67 -17.97
C ALA B 54 -21.76 -6.97 -17.74
N VAL B 55 -22.35 -7.48 -18.81
CA VAL B 55 -23.05 -8.80 -18.68
C VAL B 55 -22.07 -9.93 -18.49
N LEU B 56 -20.95 -9.86 -19.17
CA LEU B 56 -19.89 -10.83 -19.01
C LEU B 56 -19.41 -10.86 -17.56
N LEU B 57 -19.19 -9.66 -16.97
CA LEU B 57 -18.68 -9.48 -15.64
C LEU B 57 -19.68 -10.02 -14.66
N ALA B 58 -20.91 -9.55 -14.74
CA ALA B 58 -21.98 -10.09 -13.87
C ALA B 58 -22.13 -11.57 -14.01
N ASP B 59 -22.15 -12.10 -15.23
CA ASP B 59 -22.32 -13.52 -15.43
C ASP B 59 -21.17 -14.28 -14.73
N SER B 60 -19.96 -13.75 -14.86
CA SER B 60 -18.79 -14.39 -14.15
C SER B 60 -18.94 -14.36 -12.65
N PHE B 61 -19.35 -13.21 -12.08
CA PHE B 61 -19.50 -13.18 -10.65
C PHE B 61 -20.54 -14.23 -10.25
N LYS B 62 -21.71 -14.26 -10.91
CA LYS B 62 -22.75 -15.21 -10.55
C LYS B 62 -22.29 -16.68 -10.61
N ALA B 63 -21.34 -17.07 -11.49
CA ALA B 63 -20.83 -18.38 -11.62
C ALA B 63 -19.65 -18.61 -10.67
N GLY B 64 -19.34 -17.63 -9.79
CA GLY B 64 -18.33 -17.84 -8.85
C GLY B 64 -16.97 -17.37 -9.31
N GLY B 65 -16.96 -16.64 -10.38
CA GLY B 65 -15.64 -16.19 -10.89
C GLY B 65 -15.26 -14.78 -10.32
N LYS B 66 -14.05 -14.35 -10.66
CA LYS B 66 -13.67 -13.05 -10.18
C LYS B 66 -13.10 -12.32 -11.36
N VAL B 67 -12.78 -11.04 -11.14
CA VAL B 67 -12.18 -10.28 -12.29
C VAL B 67 -10.84 -9.70 -11.88
N LEU B 68 -9.79 -9.75 -12.66
CA LEU B 68 -8.51 -9.18 -12.33
C LEU B 68 -8.40 -7.94 -13.18
N SER B 69 -8.27 -6.72 -12.55
CA SER B 69 -8.21 -5.52 -13.38
C SER B 69 -6.74 -5.00 -13.33
N CYS B 70 -6.24 -4.39 -14.41
CA CYS B 70 -4.89 -3.84 -14.40
C CYS B 70 -4.83 -2.67 -15.42
N GLY B 71 -3.92 -1.77 -15.23
CA GLY B 71 -3.67 -0.71 -16.19
C GLY B 71 -2.33 -0.05 -15.85
N ASN B 72 -1.73 0.63 -16.79
CA ASN B 72 -0.57 1.55 -16.43
C ASN B 72 -0.79 3.01 -16.20
N GLY B 73 0.00 3.60 -15.34
CA GLY B 73 -0.10 4.97 -15.23
C GLY B 73 -1.32 5.48 -14.66
N GLY B 74 -1.91 6.42 -15.35
CA GLY B 74 -3.26 6.85 -14.90
C GLY B 74 -4.32 5.81 -14.94
N SER B 75 -3.99 4.73 -15.72
CA SER B 75 -5.02 3.70 -15.95
C SER B 75 -5.06 2.78 -14.80
N HIS B 76 -3.95 2.76 -14.08
CA HIS B 76 -3.85 1.89 -12.93
C HIS B 76 -4.88 2.29 -11.88
N CYS B 77 -5.01 3.57 -11.68
CA CYS B 77 -6.03 4.00 -10.75
C CYS B 77 -7.47 3.75 -11.19
N ASP B 78 -7.71 3.69 -12.47
CA ASP B 78 -9.04 3.38 -13.02
C ASP B 78 -9.32 1.94 -12.60
N ALA B 79 -8.32 1.11 -12.85
CA ALA B 79 -8.39 -0.35 -12.47
C ALA B 79 -8.71 -0.57 -11.02
N MET B 80 -8.01 0.12 -10.11
CA MET B 80 -8.30 0.04 -8.66
C MET B 80 -9.64 0.46 -8.25
N HIS B 81 -10.16 1.52 -8.80
CA HIS B 81 -11.45 1.99 -8.46
C HIS B 81 -12.50 0.98 -8.90
N PHE B 82 -12.35 0.45 -10.11
CA PHE B 82 -13.38 -0.58 -10.60
C PHE B 82 -13.37 -1.73 -9.67
N ALA B 83 -12.15 -2.21 -9.33
CA ALA B 83 -12.13 -3.33 -8.42
C ALA B 83 -12.78 -3.05 -7.05
N GLU B 84 -12.40 -1.91 -6.46
CA GLU B 84 -12.84 -1.49 -5.12
C GLU B 84 -14.41 -1.38 -5.11
N GLU B 85 -14.91 -0.68 -6.13
CA GLU B 85 -16.37 -0.50 -6.19
C GLU B 85 -17.08 -1.85 -6.24
N LEU B 86 -16.58 -2.80 -7.03
CA LEU B 86 -17.20 -4.12 -7.19
C LEU B 86 -17.16 -4.98 -5.96
N THR B 87 -15.94 -5.06 -5.42
CA THR B 87 -15.76 -5.80 -4.19
C THR B 87 -16.57 -5.20 -3.03
N GLY B 88 -16.56 -3.89 -2.96
CA GLY B 88 -17.31 -3.09 -1.98
C GLY B 88 -18.79 -3.47 -2.00
N ARG B 89 -19.38 -3.71 -3.21
CA ARG B 89 -20.75 -4.02 -3.32
C ARG B 89 -21.03 -5.49 -3.24
N TYR B 90 -20.14 -6.40 -3.68
CA TYR B 90 -20.50 -7.78 -3.72
C TYR B 90 -19.78 -8.79 -2.86
N ARG B 91 -18.85 -8.34 -2.14
CA ARG B 91 -18.01 -9.21 -1.31
C ARG B 91 -18.88 -10.04 -0.30
N GLU B 92 -19.87 -9.44 0.36
CA GLU B 92 -20.80 -10.20 1.27
C GLU B 92 -21.53 -11.38 0.56
N ASN B 93 -21.66 -12.37 1.39
CA ASN B 93 -22.46 -13.57 1.08
C ASN B 93 -21.98 -14.21 -0.25
N ARG B 94 -20.64 -14.19 -0.43
CA ARG B 94 -20.02 -14.88 -1.54
C ARG B 94 -18.54 -15.10 -1.16
N PRO B 95 -17.96 -16.32 -1.46
CA PRO B 95 -16.55 -16.68 -1.12
C PRO B 95 -15.61 -15.77 -1.87
N GLY B 96 -14.44 -15.58 -1.33
CA GLY B 96 -13.41 -14.84 -2.00
C GLY B 96 -13.71 -13.37 -2.25
N TYR B 97 -13.25 -12.92 -3.40
CA TYR B 97 -13.42 -11.47 -3.82
C TYR B 97 -13.87 -11.39 -5.27
N PRO B 98 -14.88 -10.57 -5.54
CA PRO B 98 -15.44 -10.53 -6.94
C PRO B 98 -14.37 -9.89 -7.83
N ALA B 99 -13.52 -9.04 -7.24
CA ALA B 99 -12.63 -8.23 -8.10
C ALA B 99 -11.35 -7.90 -7.35
N ILE B 100 -10.21 -8.02 -8.05
CA ILE B 100 -8.88 -7.66 -7.51
C ILE B 100 -8.08 -6.80 -8.48
N ALA B 101 -7.54 -5.68 -8.07
CA ALA B 101 -6.75 -4.87 -9.01
C ALA B 101 -5.36 -5.45 -8.78
N ILE B 102 -4.59 -5.76 -9.86
CA ILE B 102 -3.23 -6.24 -9.70
C ILE B 102 -2.15 -5.19 -9.22
N ASN B 118 7.92 -6.24 -17.11
CA ASN B 118 6.70 -6.53 -17.97
C ASN B 118 5.88 -7.75 -17.56
N ASP B 119 6.30 -8.43 -16.46
CA ASP B 119 5.61 -9.64 -15.98
C ASP B 119 4.87 -9.31 -14.69
N ILE B 120 4.80 -8.00 -14.36
CA ILE B 120 4.05 -7.66 -13.12
C ILE B 120 2.65 -8.16 -13.10
N PHE B 121 1.93 -7.84 -14.19
CA PHE B 121 0.49 -8.32 -14.37
C PHE B 121 0.42 -9.79 -14.73
N SER B 122 1.22 -10.30 -15.67
CA SER B 122 1.02 -11.75 -15.88
C SER B 122 1.40 -12.71 -14.78
N ARG B 123 2.34 -12.35 -13.91
CA ARG B 123 2.71 -13.30 -12.81
C ARG B 123 1.49 -13.44 -11.90
N TYR B 124 0.76 -12.33 -11.70
CA TYR B 124 -0.34 -12.35 -10.73
C TYR B 124 -1.42 -13.24 -11.36
N VAL B 125 -1.68 -13.05 -12.65
CA VAL B 125 -2.63 -13.90 -13.33
C VAL B 125 -2.29 -15.41 -13.30
N GLU B 126 -0.97 -15.73 -13.38
CA GLU B 126 -0.57 -17.15 -13.38
C GLU B 126 -0.74 -17.59 -11.95
N ALA B 127 -0.42 -16.74 -10.97
CA ALA B 127 -0.61 -17.16 -9.55
C ALA B 127 -2.08 -17.38 -9.09
N VAL B 128 -3.04 -16.62 -9.61
CA VAL B 128 -4.35 -16.59 -8.98
C VAL B 128 -5.50 -16.83 -10.02
N GLY B 129 -5.24 -16.70 -11.31
CA GLY B 129 -6.30 -16.87 -12.23
C GLY B 129 -6.86 -18.27 -12.39
N ARG B 130 -8.20 -18.37 -12.61
CA ARG B 130 -8.89 -19.65 -12.70
C ARG B 130 -9.76 -19.55 -13.94
N GLU B 131 -10.06 -20.74 -14.47
CA GLU B 131 -10.97 -20.86 -15.54
C GLU B 131 -12.27 -20.19 -15.22
N GLY B 132 -12.79 -19.37 -16.12
CA GLY B 132 -14.08 -18.81 -15.78
C GLY B 132 -13.84 -17.34 -15.24
N ASP B 133 -12.59 -16.98 -14.84
CA ASP B 133 -12.33 -15.61 -14.37
C ASP B 133 -12.31 -14.72 -15.55
N VAL B 134 -12.17 -13.41 -15.21
CA VAL B 134 -12.04 -12.39 -16.25
C VAL B 134 -10.90 -11.48 -15.98
N LEU B 135 -10.26 -11.04 -17.02
CA LEU B 135 -9.21 -10.01 -16.95
C LEU B 135 -9.66 -8.75 -17.62
N LEU B 136 -9.56 -7.64 -16.91
CA LEU B 136 -9.88 -6.32 -17.41
C LEU B 136 -8.54 -5.61 -17.65
N GLY B 137 -8.11 -5.40 -18.92
CA GLY B 137 -6.81 -4.84 -19.18
C GLY B 137 -7.09 -3.42 -19.71
N ILE B 138 -6.48 -2.39 -19.09
CA ILE B 138 -6.68 -0.98 -19.60
C ILE B 138 -5.40 -0.46 -20.23
N SER B 139 -5.47 0.03 -21.47
CA SER B 139 -4.21 0.52 -22.08
C SER B 139 -4.60 1.58 -23.11
N THR B 140 -4.26 2.85 -22.86
CA THR B 140 -4.80 3.97 -23.71
C THR B 140 -4.30 3.84 -25.18
N SER B 141 -3.18 3.15 -25.33
CA SER B 141 -2.61 2.92 -26.68
C SER B 141 -2.88 1.50 -27.22
N GLY B 142 -2.99 0.51 -26.34
CA GLY B 142 -3.17 -0.88 -26.80
C GLY B 142 -1.80 -1.51 -26.99
N ASN B 143 -0.78 -0.78 -26.59
CA ASN B 143 0.60 -1.22 -26.80
C ASN B 143 1.31 -1.69 -25.48
N SER B 144 0.65 -1.61 -24.35
CA SER B 144 1.29 -1.90 -23.05
C SER B 144 1.75 -3.34 -22.97
N ALA B 145 3.05 -3.55 -22.95
CA ALA B 145 3.57 -4.87 -22.91
C ALA B 145 3.13 -5.60 -21.68
N ASN B 146 2.99 -4.97 -20.51
CA ASN B 146 2.56 -5.74 -19.35
C ASN B 146 1.14 -6.26 -19.44
N VAL B 147 0.30 -5.48 -20.11
CA VAL B 147 -1.10 -5.88 -20.29
C VAL B 147 -1.16 -6.92 -21.34
N ILE B 148 -0.39 -6.80 -22.42
CA ILE B 148 -0.40 -7.89 -23.42
C ILE B 148 0.01 -9.18 -22.84
N LYS B 149 1.07 -9.14 -21.98
CA LYS B 149 1.50 -10.39 -21.38
C LYS B 149 0.43 -10.94 -20.31
N ALA B 150 -0.36 -10.09 -19.69
CA ALA B 150 -1.41 -10.54 -18.70
C ALA B 150 -2.43 -11.20 -19.56
N ILE B 151 -2.68 -10.61 -20.74
CA ILE B 151 -3.77 -11.27 -21.58
C ILE B 151 -3.37 -12.68 -22.01
N ALA B 152 -2.11 -12.93 -22.45
CA ALA B 152 -1.70 -14.27 -22.82
C ALA B 152 -1.80 -15.15 -21.64
N ALA B 153 -1.39 -14.61 -20.47
CA ALA B 153 -1.47 -15.44 -19.24
C ALA B 153 -2.89 -15.85 -18.96
N ALA B 154 -3.83 -14.94 -19.25
CA ALA B 154 -5.29 -15.20 -19.00
C ALA B 154 -5.74 -16.25 -19.88
N ARG B 155 -5.36 -16.21 -21.14
CA ARG B 155 -5.76 -17.30 -22.13
C ARG B 155 -5.27 -18.67 -21.61
N GLU B 156 -4.05 -18.71 -21.07
CA GLU B 156 -3.49 -19.99 -20.64
C GLU B 156 -4.27 -20.54 -19.47
N LYS B 157 -4.93 -19.63 -18.71
CA LYS B 157 -5.78 -20.04 -17.60
C LYS B 157 -7.29 -20.27 -18.05
N GLY B 158 -7.64 -20.07 -19.31
CA GLY B 158 -8.99 -20.22 -19.62
C GLY B 158 -9.92 -19.05 -19.20
N MET B 159 -9.33 -17.84 -19.09
CA MET B 159 -10.03 -16.64 -18.64
C MET B 159 -10.51 -15.87 -19.85
N LYS B 160 -11.65 -15.14 -19.65
CA LYS B 160 -12.13 -14.23 -20.69
C LYS B 160 -11.41 -12.92 -20.54
N VAL B 161 -11.45 -12.09 -21.60
CA VAL B 161 -10.65 -10.87 -21.61
C VAL B 161 -11.42 -9.62 -22.10
N ILE B 162 -11.47 -8.60 -21.25
CA ILE B 162 -12.13 -7.37 -21.61
C ILE B 162 -11.08 -6.24 -21.69
N THR B 163 -11.05 -5.37 -22.70
CA THR B 163 -9.99 -4.36 -22.57
C THR B 163 -10.53 -2.95 -22.85
N LEU B 164 -9.96 -1.98 -22.17
CA LEU B 164 -10.39 -0.64 -22.38
C LEU B 164 -9.18 -0.01 -23.07
N THR B 165 -9.39 0.50 -24.26
CA THR B 165 -8.22 0.94 -25.12
C THR B 165 -8.49 2.30 -25.81
N GLY B 166 -7.58 2.78 -26.70
CA GLY B 166 -7.84 4.03 -27.40
C GLY B 166 -7.10 3.84 -28.73
N LYS B 167 -6.96 4.94 -29.49
CA LYS B 167 -6.23 4.99 -30.76
C LYS B 167 -6.78 3.88 -31.65
N ASP B 168 -5.91 3.17 -32.33
CA ASP B 168 -6.44 2.10 -33.19
C ASP B 168 -6.35 0.71 -32.47
N GLY B 169 -6.11 0.64 -31.12
CA GLY B 169 -6.24 -0.62 -30.36
C GLY B 169 -4.79 -1.20 -30.30
N GLY B 170 -3.83 -0.60 -31.04
CA GLY B 170 -2.40 -0.95 -30.97
C GLY B 170 -2.27 -2.45 -31.07
N LYS B 171 -1.21 -3.00 -30.46
CA LYS B 171 -0.88 -4.38 -30.54
C LYS B 171 -2.00 -5.28 -29.94
N MET B 172 -2.79 -4.76 -28.98
CA MET B 172 -3.85 -5.55 -28.37
C MET B 172 -5.04 -5.81 -29.22
N ALA B 173 -5.19 -5.08 -30.34
CA ALA B 173 -6.42 -5.13 -31.18
C ALA B 173 -6.57 -6.59 -31.60
N GLY B 174 -7.79 -7.10 -31.52
CA GLY B 174 -7.99 -8.46 -31.90
C GLY B 174 -7.71 -9.52 -30.91
N THR B 175 -7.24 -9.19 -29.72
CA THR B 175 -6.77 -10.21 -28.77
C THR B 175 -7.76 -10.34 -27.56
N ALA B 176 -8.73 -9.47 -27.49
CA ALA B 176 -9.66 -9.46 -26.33
C ALA B 176 -10.97 -10.10 -26.79
N ASP B 177 -11.80 -10.55 -25.85
CA ASP B 177 -13.09 -11.08 -26.19
C ASP B 177 -13.98 -9.92 -26.40
N ILE B 178 -13.84 -8.92 -25.50
CA ILE B 178 -14.53 -7.62 -25.73
C ILE B 178 -13.64 -6.42 -25.55
N GLU B 179 -13.74 -5.43 -26.50
CA GLU B 179 -12.80 -4.28 -26.49
C GLU B 179 -13.65 -3.02 -26.51
N ILE B 180 -13.41 -2.07 -25.62
CA ILE B 180 -14.16 -0.86 -25.62
C ILE B 180 -13.01 0.15 -26.00
N ARG B 181 -13.03 0.64 -27.23
CA ARG B 181 -11.93 1.49 -27.80
C ARG B 181 -12.39 2.97 -27.95
N VAL B 182 -11.57 3.93 -27.46
CA VAL B 182 -11.83 5.31 -27.54
C VAL B 182 -11.17 5.82 -28.84
N PRO B 183 -12.01 6.40 -29.72
CA PRO B 183 -11.55 6.84 -31.01
C PRO B 183 -10.66 8.12 -30.86
N HIS B 184 -9.58 8.16 -30.07
CA HIS B 184 -8.80 9.34 -29.99
C HIS B 184 -7.38 8.93 -30.26
N PHE B 185 -6.69 9.69 -31.09
CA PHE B 185 -5.30 9.39 -31.56
C PHE B 185 -4.24 10.25 -30.97
N GLY B 186 -4.60 11.17 -30.12
CA GLY B 186 -3.67 12.07 -29.56
C GLY B 186 -3.15 11.60 -28.20
N TYR B 187 -3.00 12.51 -27.24
CA TYR B 187 -2.46 12.10 -25.91
C TYR B 187 -3.46 11.31 -25.06
N ALA B 188 -3.00 10.69 -23.97
CA ALA B 188 -3.77 9.69 -23.24
C ALA B 188 -4.88 10.36 -22.43
N ASP B 189 -4.75 11.65 -22.07
CA ASP B 189 -5.73 12.36 -21.25
C ASP B 189 -7.16 12.22 -21.74
N ARG B 190 -7.41 12.46 -23.04
CA ARG B 190 -8.83 12.32 -23.48
C ARG B 190 -9.33 10.95 -23.48
N ILE B 191 -8.43 9.95 -23.67
CA ILE B 191 -8.80 8.51 -23.59
C ILE B 191 -9.10 8.12 -22.17
N GLN B 192 -8.23 8.49 -21.28
CA GLN B 192 -8.43 8.05 -19.89
C GLN B 192 -9.76 8.67 -19.37
N GLU B 193 -10.05 9.91 -19.81
CA GLU B 193 -11.23 10.57 -19.32
C GLU B 193 -12.50 9.77 -19.74
N ILE B 194 -12.51 9.22 -20.99
CA ILE B 194 -13.57 8.38 -21.36
C ILE B 194 -13.65 7.08 -20.65
N HIS B 195 -12.48 6.47 -20.49
CA HIS B 195 -12.44 5.19 -19.73
C HIS B 195 -13.10 5.31 -18.36
N ILE B 196 -12.90 6.36 -17.57
CA ILE B 196 -13.50 6.43 -16.24
C ILE B 196 -15.01 6.61 -16.39
N LYS B 197 -15.51 7.19 -17.47
CA LYS B 197 -16.94 7.22 -17.71
C LYS B 197 -17.43 5.81 -17.99
N VAL B 198 -16.70 5.07 -18.78
CA VAL B 198 -17.09 3.66 -19.07
C VAL B 198 -17.18 2.84 -17.79
N ILE B 199 -16.18 2.99 -16.98
CA ILE B 199 -16.19 2.28 -15.71
C ILE B 199 -17.40 2.65 -14.92
N HIS B 200 -17.68 3.93 -14.73
CA HIS B 200 -18.84 4.27 -13.93
C HIS B 200 -20.13 3.55 -14.51
N ILE B 201 -20.29 3.61 -15.83
CA ILE B 201 -21.43 2.94 -16.47
C ILE B 201 -21.39 1.45 -16.18
N LEU B 202 -20.24 0.76 -16.29
CA LEU B 202 -20.21 -0.64 -16.15
C LEU B 202 -20.67 -0.93 -14.72
N ILE B 203 -20.31 -0.02 -13.81
CA ILE B 203 -20.72 -0.32 -12.45
C ILE B 203 -22.24 -0.27 -12.33
N GLN B 204 -22.89 0.76 -12.89
CA GLN B 204 -24.40 0.87 -12.88
C GLN B 204 -25.05 -0.36 -13.51
N LEU B 205 -24.50 -0.73 -14.69
CA LEU B 205 -25.01 -1.95 -15.43
C LEU B 205 -24.92 -3.25 -14.62
N ILE B 206 -23.77 -3.47 -13.97
CA ILE B 206 -23.54 -4.67 -13.21
C ILE B 206 -24.55 -4.67 -12.08
N GLU B 207 -24.84 -3.53 -11.51
CA GLU B 207 -25.75 -3.54 -10.39
C GLU B 207 -27.10 -4.09 -10.86
N LYS B 208 -27.68 -3.56 -11.93
CA LYS B 208 -28.93 -4.22 -12.48
C LYS B 208 -28.85 -5.70 -12.84
N GLU B 209 -27.69 -6.12 -13.30
CA GLU B 209 -27.43 -7.54 -13.69
C GLU B 209 -27.39 -8.34 -12.39
N MET B 210 -26.77 -7.79 -11.38
CA MET B 210 -26.52 -8.54 -10.15
C MET B 210 -27.83 -8.77 -9.32
N VAL B 211 -28.87 -7.94 -9.52
CA VAL B 211 -30.20 -8.24 -8.90
C VAL B 211 -31.21 -9.02 -9.77
N LYS B 212 -30.86 -9.25 -11.04
CA LYS B 212 -31.69 -9.76 -12.18
C LYS B 212 -31.48 -11.32 -12.13
N MET C 21 -32.23 -4.93 -21.71
CA MET C 21 -31.25 -4.25 -22.55
C MET C 21 -31.01 -2.83 -22.08
N TYR C 22 -29.78 -2.36 -22.21
CA TYR C 22 -29.30 -1.19 -21.46
C TYR C 22 -28.72 -0.14 -22.34
N GLN C 23 -28.94 -0.24 -23.66
CA GLN C 23 -28.40 0.68 -24.66
C GLN C 23 -28.85 2.13 -24.33
N ASP C 24 -30.09 2.33 -23.92
CA ASP C 24 -30.57 3.69 -23.65
C ASP C 24 -29.99 4.24 -22.39
N LEU C 25 -29.86 3.35 -21.42
CA LEU C 25 -29.30 3.73 -20.17
C LEU C 25 -27.80 4.21 -20.41
N ILE C 26 -27.00 3.41 -21.12
CA ILE C 26 -25.61 3.79 -21.48
C ILE C 26 -25.58 5.14 -22.14
N ARG C 27 -26.48 5.31 -23.14
CA ARG C 27 -26.52 6.61 -23.83
C ARG C 27 -26.97 7.78 -22.99
N ASN C 28 -27.95 7.51 -22.16
CA ASN C 28 -28.43 8.55 -21.22
C ASN C 28 -27.26 8.99 -20.30
N GLU C 29 -26.51 8.00 -19.80
CA GLU C 29 -25.33 8.32 -18.95
C GLU C 29 -24.32 9.19 -19.64
N LEU C 30 -23.96 8.81 -20.87
CA LEU C 30 -23.01 9.52 -21.66
C LEU C 30 -23.51 10.92 -22.03
N ASN C 31 -24.82 11.04 -22.35
CA ASN C 31 -25.36 12.37 -22.68
C ASN C 31 -25.45 13.27 -21.43
N GLU C 32 -25.64 12.67 -20.23
CA GLU C 32 -25.61 13.43 -19.07
C GLU C 32 -24.20 14.00 -18.85
N ALA C 33 -23.19 13.19 -19.16
CA ALA C 33 -21.82 13.64 -19.07
C ALA C 33 -21.57 14.85 -20.04
N ALA C 34 -22.11 14.70 -21.24
CA ALA C 34 -21.96 15.81 -22.30
C ALA C 34 -22.54 17.05 -21.80
N GLU C 35 -23.74 16.93 -21.22
CA GLU C 35 -24.42 18.24 -20.75
C GLU C 35 -23.70 18.85 -19.54
N THR C 36 -23.23 17.99 -18.66
CA THR C 36 -22.43 18.44 -17.52
C THR C 36 -21.28 19.27 -18.01
N LEU C 37 -20.60 18.70 -18.99
CA LEU C 37 -19.34 19.30 -19.54
C LEU C 37 -19.73 20.63 -20.27
N ALA C 38 -20.84 20.63 -21.03
CA ALA C 38 -21.37 21.90 -21.69
C ALA C 38 -21.71 22.99 -20.67
N ASN C 39 -22.38 22.63 -19.54
CA ASN C 39 -22.65 23.55 -18.52
C ASN C 39 -21.42 24.12 -17.85
N PHE C 40 -20.40 23.26 -17.69
CA PHE C 40 -19.21 23.67 -17.03
C PHE C 40 -18.35 24.58 -17.92
N LEU C 41 -18.20 24.19 -19.13
CA LEU C 41 -17.53 25.01 -20.12
C LEU C 41 -18.13 26.44 -20.35
N LYS C 42 -19.40 26.57 -20.39
CA LYS C 42 -20.02 27.81 -20.63
C LYS C 42 -19.75 28.86 -19.54
N ASP C 43 -19.40 28.51 -18.29
CA ASP C 43 -19.30 29.58 -17.26
C ASP C 43 -17.86 30.06 -17.22
N ASP C 44 -17.59 31.26 -17.72
CA ASP C 44 -16.20 31.72 -17.71
C ASP C 44 -15.56 31.82 -16.31
N ALA C 45 -16.36 31.85 -15.29
CA ALA C 45 -15.82 31.98 -13.98
C ALA C 45 -15.06 30.62 -13.65
N ASN C 46 -15.64 29.49 -14.07
CA ASN C 46 -14.91 28.21 -13.99
C ASN C 46 -13.60 28.18 -14.73
N ILE C 47 -13.59 28.72 -15.92
CA ILE C 47 -12.35 28.83 -16.65
C ILE C 47 -11.34 29.69 -15.97
N HIS C 48 -11.69 30.93 -15.50
CA HIS C 48 -10.74 31.79 -14.79
C HIS C 48 -10.19 31.02 -13.52
N ALA C 49 -11.09 30.29 -12.85
CA ALA C 49 -10.74 29.62 -11.57
C ALA C 49 -9.67 28.60 -11.89
N ILE C 50 -9.82 27.90 -12.97
CA ILE C 50 -8.77 26.94 -13.41
C ILE C 50 -7.39 27.60 -13.63
N GLN C 51 -7.45 28.69 -14.40
CA GLN C 51 -6.21 29.38 -14.60
C GLN C 51 -5.56 29.88 -13.21
N ARG C 52 -6.32 30.57 -12.39
CA ARG C 52 -5.74 31.08 -11.12
C ARG C 52 -5.20 29.91 -10.34
N ALA C 53 -5.91 28.77 -10.32
CA ALA C 53 -5.33 27.60 -9.59
C ALA C 53 -3.95 27.22 -10.06
N ALA C 54 -3.80 26.98 -11.38
CA ALA C 54 -2.53 26.55 -11.93
C ALA C 54 -1.42 27.52 -11.61
N VAL C 55 -1.77 28.78 -11.64
CA VAL C 55 -0.75 29.81 -11.30
C VAL C 55 -0.31 29.82 -9.86
N LEU C 56 -1.28 29.69 -8.96
CA LEU C 56 -0.93 29.56 -7.56
C LEU C 56 -0.06 28.30 -7.28
N LEU C 57 -0.44 27.16 -7.86
CA LEU C 57 0.29 25.95 -7.69
C LEU C 57 1.77 26.18 -8.26
N ALA C 58 1.84 26.69 -9.50
CA ALA C 58 3.19 26.88 -10.07
C ALA C 58 4.02 27.89 -9.21
N ASP C 59 3.47 28.99 -8.76
CA ASP C 59 4.19 29.88 -7.95
C ASP C 59 4.58 29.31 -6.67
N SER C 60 3.80 28.42 -6.14
CA SER C 60 4.29 27.66 -4.92
C SER C 60 5.43 26.77 -5.16
N PHE C 61 5.42 25.94 -6.23
CA PHE C 61 6.61 25.19 -6.54
C PHE C 61 7.87 26.04 -6.63
N LYS C 62 7.82 27.11 -7.32
CA LYS C 62 8.99 27.91 -7.70
C LYS C 62 9.43 28.53 -6.36
N ALA C 63 8.57 28.56 -5.35
CA ALA C 63 8.95 29.11 -4.07
C ALA C 63 9.38 27.93 -3.14
N GLY C 64 9.57 26.72 -3.70
CA GLY C 64 10.02 25.59 -2.82
C GLY C 64 8.85 24.91 -2.09
N GLY C 65 7.62 25.34 -2.29
CA GLY C 65 6.39 24.76 -1.66
C GLY C 65 6.01 23.35 -2.28
N LYS C 66 5.26 22.55 -1.54
CA LYS C 66 4.73 21.37 -2.18
C LYS C 66 3.23 21.34 -2.06
N VAL C 67 2.59 20.49 -2.83
CA VAL C 67 1.13 20.49 -2.82
C VAL C 67 0.66 19.08 -2.22
N LEU C 68 -0.31 19.10 -1.34
CA LEU C 68 -0.83 17.80 -0.67
C LEU C 68 -2.19 17.74 -1.30
N SER C 69 -2.53 16.69 -2.06
CA SER C 69 -3.81 16.51 -2.56
C SER C 69 -4.57 15.42 -1.90
N CYS C 70 -5.94 15.59 -1.80
CA CYS C 70 -6.77 14.51 -1.12
C CYS C 70 -8.14 14.54 -1.67
N GLY C 71 -8.79 13.37 -1.54
CA GLY C 71 -10.10 13.16 -2.09
C GLY C 71 -10.60 11.77 -1.70
N ASN C 72 -11.90 11.63 -1.54
CA ASN C 72 -12.41 10.27 -1.10
C ASN C 72 -12.92 9.37 -2.27
N GLY C 73 -12.94 8.04 -2.08
CA GLY C 73 -13.56 7.16 -3.10
C GLY C 73 -12.86 7.38 -4.39
N GLY C 74 -13.61 7.62 -5.46
CA GLY C 74 -13.11 7.81 -6.80
C GLY C 74 -12.25 9.05 -6.95
N SER C 75 -12.46 10.00 -6.06
CA SER C 75 -11.64 11.24 -6.06
C SER C 75 -10.23 10.99 -5.57
N HIS C 76 -9.99 9.92 -4.86
CA HIS C 76 -8.61 9.53 -4.48
C HIS C 76 -7.75 9.34 -5.71
N CYS C 77 -8.33 8.86 -6.81
CA CYS C 77 -7.55 8.70 -8.02
C CYS C 77 -7.21 9.97 -8.65
N ASP C 78 -8.12 10.92 -8.59
CA ASP C 78 -7.87 12.21 -9.10
C ASP C 78 -6.67 12.83 -8.33
N ALA C 79 -6.73 12.79 -7.00
CA ALA C 79 -5.62 13.35 -6.13
C ALA C 79 -4.33 12.60 -6.52
N MET C 80 -4.39 11.30 -6.66
CA MET C 80 -3.21 10.50 -6.93
C MET C 80 -2.61 10.79 -8.27
N HIS C 81 -3.49 10.91 -9.23
CA HIS C 81 -2.95 11.21 -10.62
C HIS C 81 -2.35 12.60 -10.60
N PHE C 82 -3.01 13.52 -9.92
CA PHE C 82 -2.44 14.86 -9.81
C PHE C 82 -1.06 14.83 -9.27
N ALA C 83 -0.91 14.20 -8.13
CA ALA C 83 0.37 14.28 -7.44
C ALA C 83 1.43 13.50 -8.16
N GLU C 84 1.00 12.37 -8.70
CA GLU C 84 2.06 11.48 -9.37
C GLU C 84 2.63 12.10 -10.64
N GLU C 85 1.81 12.82 -11.40
CA GLU C 85 2.26 13.47 -12.63
C GLU C 85 3.20 14.62 -12.32
N LEU C 86 2.86 15.41 -11.31
CA LEU C 86 3.63 16.61 -10.97
C LEU C 86 4.92 16.08 -10.39
N THR C 87 4.88 15.03 -9.58
CA THR C 87 6.10 14.65 -8.92
C THR C 87 6.93 13.90 -9.99
N GLY C 88 6.31 13.30 -10.97
CA GLY C 88 7.05 12.68 -12.06
C GLY C 88 7.78 13.68 -12.96
N ARG C 89 7.12 14.79 -13.29
CA ARG C 89 7.75 15.94 -13.98
C ARG C 89 8.70 16.78 -13.26
N TYR C 90 8.74 16.88 -11.90
CA TYR C 90 9.46 18.03 -11.32
C TYR C 90 10.45 17.56 -10.23
N ARG C 91 10.58 16.24 -10.13
CA ARG C 91 11.49 15.62 -9.18
C ARG C 91 12.94 16.05 -9.40
N GLU C 92 13.30 15.98 -10.69
CA GLU C 92 14.69 16.05 -11.07
C GLU C 92 15.36 17.36 -10.70
N ASN C 93 16.47 17.25 -10.01
CA ASN C 93 17.11 18.41 -9.31
C ASN C 93 16.25 19.32 -8.46
N ARG C 94 15.38 18.68 -7.70
CA ARG C 94 14.53 19.35 -6.75
C ARG C 94 14.50 18.48 -5.52
N PRO C 95 14.69 19.11 -4.36
CA PRO C 95 14.51 18.42 -3.09
C PRO C 95 13.09 17.90 -2.93
N GLY C 96 12.96 16.80 -2.20
CA GLY C 96 11.67 16.39 -1.68
C GLY C 96 10.72 15.97 -2.78
N TYR C 97 9.44 16.18 -2.54
CA TYR C 97 8.38 15.88 -3.57
C TYR C 97 7.55 17.07 -3.88
N PRO C 98 7.34 17.32 -5.13
CA PRO C 98 6.47 18.46 -5.50
C PRO C 98 5.01 18.24 -5.05
N ALA C 99 4.58 17.01 -5.08
CA ALA C 99 3.19 16.74 -4.73
C ALA C 99 3.07 15.38 -4.07
N ILE C 100 2.21 15.29 -3.09
CA ILE C 100 1.95 13.99 -2.41
C ILE C 100 0.41 13.92 -2.26
N ALA C 101 -0.17 12.75 -2.68
CA ALA C 101 -1.60 12.45 -2.46
C ALA C 101 -1.74 11.85 -1.08
N ILE C 102 -2.67 12.35 -0.28
CA ILE C 102 -2.71 11.84 1.05
C ILE C 102 -3.52 10.54 1.24
N SER C 103 -2.97 9.56 1.99
CA SER C 103 -3.80 8.40 2.31
C SER C 103 -3.28 7.97 3.71
N ASP C 104 -3.91 6.95 4.34
CA ASP C 104 -3.46 6.54 5.60
C ASP C 104 -1.93 6.11 5.46
N VAL C 105 -1.11 6.39 6.46
CA VAL C 105 0.31 6.08 6.34
C VAL C 105 0.68 4.66 6.77
N SER C 106 -0.26 3.92 7.31
CA SER C 106 0.07 2.57 7.74
C SER C 106 0.19 1.62 6.50
N HIS C 107 0.77 0.42 6.72
CA HIS C 107 0.91 -0.56 5.65
C HIS C 107 -0.45 -0.85 4.96
N ILE C 108 -1.60 -0.78 5.72
CA ILE C 108 -2.91 -1.00 5.12
C ILE C 108 -3.25 0.05 4.07
N SER C 109 -2.75 1.32 4.20
CA SER C 109 -2.94 2.27 3.14
C SER C 109 -4.45 2.56 2.82
N CYS C 110 -5.26 2.74 3.86
CA CYS C 110 -6.69 3.08 3.77
C CYS C 110 -6.87 4.35 2.91
N VAL C 111 -8.03 4.45 2.25
CA VAL C 111 -8.28 5.58 1.36
C VAL C 111 -9.43 6.43 2.01
N GLY C 112 -9.49 7.75 1.73
CA GLY C 112 -10.52 8.56 2.31
C GLY C 112 -11.92 8.12 1.95
N ASN C 113 -12.89 8.26 2.89
CA ASN C 113 -14.28 7.95 2.59
C ASN C 113 -15.12 9.02 3.21
N ASP C 114 -16.25 9.43 2.60
CA ASP C 114 -17.09 10.52 3.10
C ASP C 114 -17.70 10.07 4.41
N PHE C 115 -17.64 8.75 4.75
CA PHE C 115 -18.10 8.38 6.13
C PHE C 115 -16.99 7.66 6.75
N GLY C 116 -15.74 8.00 6.37
CA GLY C 116 -14.63 7.32 6.91
C GLY C 116 -14.03 8.10 8.09
N PHE C 117 -12.80 7.72 8.56
CA PHE C 117 -12.22 8.52 9.68
C PHE C 117 -12.09 9.93 9.29
N ASN C 118 -12.11 10.85 10.25
CA ASN C 118 -12.12 12.30 9.90
C ASN C 118 -10.72 12.81 9.98
N ASP C 119 -9.80 11.97 10.51
CA ASP C 119 -8.38 12.47 10.72
C ASP C 119 -7.42 11.98 9.58
N ILE C 120 -7.95 11.28 8.54
CA ILE C 120 -7.03 10.75 7.62
C ILE C 120 -6.21 11.78 6.83
N PHE C 121 -6.78 12.92 6.44
CA PHE C 121 -6.07 13.90 5.72
C PHE C 121 -5.52 14.98 6.69
N SER C 122 -6.33 15.45 7.65
CA SER C 122 -5.80 16.42 8.66
C SER C 122 -4.57 15.98 9.39
N ARG C 123 -4.49 14.69 9.79
CA ARG C 123 -3.29 14.34 10.50
C ARG C 123 -2.07 14.38 9.66
N TYR C 124 -2.15 14.03 8.36
CA TYR C 124 -0.97 14.19 7.48
C TYR C 124 -0.57 15.57 7.23
N VAL C 125 -1.51 16.45 7.01
CA VAL C 125 -1.19 17.88 6.94
C VAL C 125 -0.48 18.40 8.14
N GLU C 126 -0.98 17.99 9.31
CA GLU C 126 -0.33 18.38 10.59
C GLU C 126 1.11 17.86 10.75
N ALA C 127 1.33 16.64 10.25
CA ALA C 127 2.68 16.00 10.33
C ALA C 127 3.65 16.56 9.28
N VAL C 128 3.20 17.01 8.10
CA VAL C 128 4.16 17.37 7.06
C VAL C 128 3.93 18.75 6.40
N GLY C 129 2.80 19.37 6.69
CA GLY C 129 2.51 20.61 5.95
C GLY C 129 3.55 21.74 6.43
N ARG C 130 3.84 22.69 5.62
CA ARG C 130 4.82 23.82 5.86
C ARG C 130 4.19 25.07 5.33
N GLU C 131 4.46 26.21 5.98
CA GLU C 131 4.01 27.47 5.40
C GLU C 131 4.39 27.64 3.94
N GLY C 132 3.48 28.13 3.14
CA GLY C 132 3.74 28.23 1.76
C GLY C 132 3.30 26.99 0.99
N ASP C 133 2.99 25.84 1.62
CA ASP C 133 2.56 24.67 0.85
C ASP C 133 1.12 24.91 0.45
N VAL C 134 0.65 23.99 -0.40
CA VAL C 134 -0.73 24.16 -0.89
C VAL C 134 -1.51 22.85 -0.57
N LEU C 135 -2.82 23.00 -0.30
CA LEU C 135 -3.66 21.79 -0.14
C LEU C 135 -4.67 21.80 -1.32
N LEU C 136 -4.74 20.70 -2.09
CA LEU C 136 -5.83 20.51 -3.05
C LEU C 136 -6.82 19.57 -2.48
N GLY C 137 -8.02 20.07 -2.07
CA GLY C 137 -9.00 19.24 -1.45
C GLY C 137 -10.09 18.94 -2.50
N ILE C 138 -10.41 17.65 -2.74
CA ILE C 138 -11.43 17.24 -3.71
C ILE C 138 -12.64 16.62 -3.03
N SER C 139 -13.84 17.20 -3.32
CA SER C 139 -15.07 16.65 -2.75
C SER C 139 -16.19 16.99 -3.67
N THR C 140 -16.82 15.97 -4.22
CA THR C 140 -17.90 16.22 -5.19
C THR C 140 -19.09 16.97 -4.54
N SER C 141 -19.31 16.84 -3.26
CA SER C 141 -20.47 17.46 -2.65
C SER C 141 -20.02 18.77 -1.88
N GLY C 142 -18.78 18.91 -1.52
CA GLY C 142 -18.33 20.08 -0.78
C GLY C 142 -18.48 19.74 0.68
N ASN C 143 -19.03 18.58 0.98
CA ASN C 143 -19.37 18.22 2.44
C ASN C 143 -18.42 17.20 3.05
N SER C 144 -17.36 16.80 2.36
CA SER C 144 -16.56 15.65 2.90
C SER C 144 -15.94 16.09 4.22
N ALA C 145 -16.29 15.46 5.34
CA ALA C 145 -15.78 15.84 6.65
C ALA C 145 -14.28 15.80 6.78
N ASN C 146 -13.62 14.72 6.24
CA ASN C 146 -12.22 14.66 6.45
C ASN C 146 -11.50 15.73 5.60
N VAL C 147 -12.07 16.13 4.50
CA VAL C 147 -11.43 17.23 3.77
C VAL C 147 -11.57 18.59 4.41
N ILE C 148 -12.75 18.78 5.00
CA ILE C 148 -12.93 20.02 5.77
C ILE C 148 -11.95 20.12 6.93
N LYS C 149 -11.72 18.99 7.59
CA LYS C 149 -10.68 19.04 8.62
C LYS C 149 -9.25 19.25 8.09
N ALA C 150 -8.92 18.85 6.84
CA ALA C 150 -7.61 19.04 6.19
C ALA C 150 -7.53 20.51 5.93
N ILE C 151 -8.56 21.16 5.51
CA ILE C 151 -8.46 22.52 5.23
C ILE C 151 -8.14 23.31 6.44
N ALA C 152 -8.80 23.04 7.54
CA ALA C 152 -8.42 23.73 8.78
C ALA C 152 -6.95 23.42 9.17
N ALA C 153 -6.53 22.17 8.98
CA ALA C 153 -5.14 21.77 9.38
C ALA C 153 -4.23 22.60 8.43
N ALA C 154 -4.61 22.78 7.19
CA ALA C 154 -3.69 23.56 6.30
C ALA C 154 -3.69 25.03 6.66
N ARG C 155 -4.83 25.67 7.05
CA ARG C 155 -4.77 26.98 7.60
C ARG C 155 -3.85 27.11 8.77
N GLU C 156 -3.94 26.13 9.70
CA GLU C 156 -3.12 26.31 10.83
C GLU C 156 -1.65 26.32 10.43
N LYS C 157 -1.33 25.72 9.29
CA LYS C 157 0.08 25.59 8.78
C LYS C 157 0.43 26.74 7.89
N GLY C 158 -0.50 27.70 7.67
CA GLY C 158 -0.26 28.76 6.72
C GLY C 158 -0.11 28.28 5.31
N MET C 159 -0.97 27.34 4.90
CA MET C 159 -0.91 26.82 3.54
C MET C 159 -2.07 27.46 2.75
N LYS C 160 -1.95 27.65 1.43
CA LYS C 160 -3.09 28.11 0.61
C LYS C 160 -3.95 26.85 0.27
N VAL C 161 -5.20 27.12 -0.07
CA VAL C 161 -6.13 25.97 -0.29
C VAL C 161 -6.83 26.12 -1.63
N ILE C 162 -6.84 25.03 -2.40
CA ILE C 162 -7.60 25.06 -3.62
C ILE C 162 -8.53 23.79 -3.61
N THR C 163 -9.82 24.00 -3.84
CA THR C 163 -10.77 22.89 -3.91
C THR C 163 -11.41 22.59 -5.21
N LEU C 164 -11.66 21.32 -5.44
CA LEU C 164 -12.37 20.87 -6.63
C LEU C 164 -13.69 20.38 -6.04
N THR C 165 -14.81 21.01 -6.39
CA THR C 165 -16.10 20.65 -5.79
C THR C 165 -17.26 20.58 -6.80
N GLY C 166 -18.45 20.36 -6.33
CA GLY C 166 -19.61 20.30 -7.19
C GLY C 166 -20.86 20.79 -6.40
N LYS C 167 -22.03 20.63 -6.97
CA LYS C 167 -23.26 21.10 -6.35
C LYS C 167 -23.19 22.50 -5.89
N ASP C 168 -23.68 22.76 -4.67
CA ASP C 168 -23.60 24.13 -4.15
C ASP C 168 -22.33 24.49 -3.43
N GLY C 169 -21.26 23.63 -3.56
CA GLY C 169 -20.18 23.81 -2.82
C GLY C 169 -20.21 23.25 -1.43
N GLY C 170 -21.39 22.93 -0.99
CA GLY C 170 -21.55 22.37 0.36
C GLY C 170 -20.98 23.17 1.52
N LYS C 171 -20.67 22.49 2.58
CA LYS C 171 -20.09 23.17 3.79
C LYS C 171 -18.68 23.76 3.54
N MET C 172 -18.05 23.34 2.47
CA MET C 172 -16.68 23.83 2.13
C MET C 172 -16.68 25.26 1.48
N ALA C 173 -17.84 25.66 1.05
CA ALA C 173 -17.94 26.90 0.29
C ALA C 173 -17.38 28.09 1.03
N GLY C 174 -16.52 28.79 0.30
CA GLY C 174 -15.90 29.88 0.92
C GLY C 174 -14.59 29.63 1.70
N THR C 175 -14.30 28.38 2.12
CA THR C 175 -13.20 28.14 2.97
C THR C 175 -11.83 27.92 2.14
N ALA C 176 -11.85 27.97 0.78
CA ALA C 176 -10.65 27.84 -0.14
C ALA C 176 -10.23 29.19 -0.66
N ASP C 177 -8.96 29.36 -0.95
CA ASP C 177 -8.52 30.52 -1.61
C ASP C 177 -9.03 30.48 -3.06
N ILE C 178 -9.11 29.27 -3.72
CA ILE C 178 -9.55 29.15 -5.11
C ILE C 178 -10.41 27.89 -5.13
N GLU C 179 -11.70 28.02 -5.53
CA GLU C 179 -12.59 26.80 -5.61
C GLU C 179 -13.00 26.64 -7.06
N ILE C 180 -13.04 25.37 -7.58
CA ILE C 180 -13.43 25.19 -8.98
C ILE C 180 -14.63 24.28 -8.75
N ARG C 181 -15.82 24.82 -8.90
CA ARG C 181 -17.05 24.07 -8.66
C ARG C 181 -17.72 23.63 -9.94
N VAL C 182 -18.13 22.34 -9.98
CA VAL C 182 -18.78 21.79 -11.05
C VAL C 182 -20.29 21.95 -10.79
N PRO C 183 -20.98 22.65 -11.73
CA PRO C 183 -22.33 23.04 -11.57
C PRO C 183 -23.36 21.87 -11.40
N HIS C 184 -23.04 20.60 -11.51
CA HIS C 184 -23.91 19.52 -11.32
C HIS C 184 -24.46 19.26 -9.88
N PHE C 185 -25.77 18.90 -9.79
CA PHE C 185 -26.36 18.59 -8.52
C PHE C 185 -26.81 17.21 -8.33
N GLY C 186 -26.51 16.34 -9.25
CA GLY C 186 -26.91 14.99 -9.16
C GLY C 186 -25.83 14.03 -8.54
N TYR C 187 -25.72 12.85 -9.11
CA TYR C 187 -24.71 11.84 -8.76
C TYR C 187 -23.27 12.36 -8.88
N ALA C 188 -22.43 11.89 -7.98
CA ALA C 188 -21.02 12.20 -7.86
C ALA C 188 -20.26 11.80 -9.15
N ASP C 189 -20.76 10.77 -9.90
CA ASP C 189 -19.95 10.30 -11.04
C ASP C 189 -19.77 11.46 -11.99
N ARG C 190 -20.87 12.15 -12.31
CA ARG C 190 -20.76 13.24 -13.36
C ARG C 190 -19.77 14.38 -12.96
N ILE C 191 -19.66 14.59 -11.62
CA ILE C 191 -18.72 15.66 -11.10
C ILE C 191 -17.27 15.13 -11.13
N GLN C 192 -17.02 13.88 -10.77
CA GLN C 192 -15.63 13.41 -10.68
C GLN C 192 -15.14 13.45 -12.14
N GLU C 193 -16.07 13.10 -13.09
CA GLU C 193 -15.70 13.02 -14.54
C GLU C 193 -15.13 14.39 -14.99
N ILE C 194 -15.67 15.46 -14.47
CA ILE C 194 -15.21 16.81 -14.86
C ILE C 194 -13.98 17.12 -14.03
N HIS C 195 -13.90 16.67 -12.71
CA HIS C 195 -12.71 16.99 -11.97
C HIS C 195 -11.47 16.39 -12.58
N ILE C 196 -11.59 15.13 -13.04
CA ILE C 196 -10.37 14.60 -13.72
C ILE C 196 -9.90 15.37 -15.00
N LYS C 197 -10.85 15.92 -15.75
CA LYS C 197 -10.56 16.79 -16.88
C LYS C 197 -9.87 17.99 -16.34
N VAL C 198 -10.43 18.61 -15.28
CA VAL C 198 -9.76 19.80 -14.71
C VAL C 198 -8.29 19.56 -14.22
N ILE C 199 -8.09 18.42 -13.59
CA ILE C 199 -6.70 18.06 -13.19
C ILE C 199 -5.79 17.87 -14.45
N HIS C 200 -6.29 17.30 -15.56
CA HIS C 200 -5.41 17.14 -16.63
C HIS C 200 -4.95 18.53 -17.08
N ILE C 201 -5.94 19.40 -17.13
CA ILE C 201 -5.70 20.79 -17.63
C ILE C 201 -4.81 21.56 -16.73
N LEU C 202 -5.03 21.43 -15.41
CA LEU C 202 -4.10 22.01 -14.44
C LEU C 202 -2.70 21.61 -14.75
N ILE C 203 -2.45 20.33 -14.92
CA ILE C 203 -1.11 19.88 -15.19
C ILE C 203 -0.48 20.54 -16.42
N GLN C 204 -1.22 20.65 -17.50
CA GLN C 204 -0.72 21.39 -18.67
C GLN C 204 -0.38 22.84 -18.41
N LEU C 205 -1.35 23.54 -17.82
CA LEU C 205 -1.12 24.87 -17.42
C LEU C 205 0.03 25.06 -16.45
N ILE C 206 0.28 24.13 -15.56
CA ILE C 206 1.45 24.17 -14.64
C ILE C 206 2.73 24.06 -15.45
N GLU C 207 2.75 23.19 -16.46
CA GLU C 207 3.83 23.03 -17.39
C GLU C 207 4.12 24.40 -18.15
N LYS C 208 3.09 25.04 -18.68
CA LYS C 208 3.27 26.37 -19.30
C LYS C 208 3.78 27.32 -18.30
N GLU C 209 3.36 27.27 -17.06
CA GLU C 209 3.92 28.22 -16.13
C GLU C 209 5.35 27.94 -15.64
N MET C 210 5.75 26.71 -15.62
CA MET C 210 7.07 26.31 -15.10
C MET C 210 8.20 26.51 -16.10
N VAL C 211 7.82 26.51 -17.40
CA VAL C 211 8.74 26.67 -18.59
C VAL C 211 9.55 27.96 -18.58
N LYS C 212 8.96 29.05 -18.09
CA LYS C 212 9.75 30.14 -17.51
C LYS C 212 9.50 30.25 -16.01
N MET D 21 18.92 -34.88 9.01
CA MET D 21 19.07 -34.06 7.81
C MET D 21 18.64 -32.62 8.07
N TYR D 22 19.58 -31.80 8.53
CA TYR D 22 19.32 -30.28 8.70
C TYR D 22 19.12 -29.94 10.15
N GLN D 23 19.01 -30.98 10.97
CA GLN D 23 18.91 -30.85 12.39
C GLN D 23 20.02 -30.07 13.05
N ASP D 24 21.18 -30.33 12.51
CA ASP D 24 22.37 -29.67 12.97
C ASP D 24 22.42 -28.28 12.42
N LEU D 25 22.10 -28.12 11.14
CA LEU D 25 22.07 -26.75 10.64
C LEU D 25 21.11 -25.84 11.46
N ILE D 26 19.89 -26.34 11.68
CA ILE D 26 18.86 -25.63 12.52
C ILE D 26 19.43 -25.24 13.88
N ARG D 27 20.09 -26.21 14.53
CA ARG D 27 20.56 -25.87 15.89
C ARG D 27 21.71 -24.88 15.88
N ASN D 28 22.57 -25.04 14.90
CA ASN D 28 23.66 -24.14 14.70
C ASN D 28 23.19 -22.72 14.54
N GLU D 29 22.23 -22.51 13.63
CA GLU D 29 21.75 -21.11 13.48
C GLU D 29 21.10 -20.57 14.74
N LEU D 30 20.24 -21.38 15.45
CA LEU D 30 19.74 -20.97 16.74
C LEU D 30 20.82 -20.65 17.76
N ASN D 31 21.89 -21.46 17.84
CA ASN D 31 22.94 -21.16 18.74
C ASN D 31 23.72 -19.91 18.37
N GLU D 32 23.87 -19.69 17.08
CA GLU D 32 24.58 -18.48 16.66
C GLU D 32 23.69 -17.27 17.12
N ALA D 33 22.35 -17.42 17.08
CA ALA D 33 21.43 -16.28 17.55
C ALA D 33 21.69 -16.06 19.06
N ALA D 34 21.82 -17.16 19.74
CA ALA D 34 22.04 -17.15 21.21
C ALA D 34 23.39 -16.51 21.51
N GLU D 35 24.44 -16.89 20.73
CA GLU D 35 25.75 -16.20 20.87
C GLU D 35 25.61 -14.67 20.60
N THR D 36 24.79 -14.28 19.57
CA THR D 36 24.75 -12.90 19.21
C THR D 36 24.07 -12.10 20.32
N LEU D 37 22.95 -12.61 20.81
CA LEU D 37 22.22 -11.96 21.92
C LEU D 37 23.19 -11.82 23.13
N ALA D 38 23.99 -12.88 23.43
CA ALA D 38 24.86 -12.86 24.61
C ALA D 38 25.90 -11.82 24.40
N ASN D 39 26.51 -11.70 23.27
CA ASN D 39 27.56 -10.64 23.10
C ASN D 39 26.98 -9.21 23.00
N PHE D 40 25.75 -9.11 22.50
CA PHE D 40 25.08 -7.80 22.47
C PHE D 40 24.74 -7.38 23.91
N LEU D 41 24.10 -8.30 24.69
CA LEU D 41 23.71 -7.90 25.97
C LEU D 41 24.83 -7.72 26.97
N LYS D 42 25.95 -8.39 26.74
CA LYS D 42 26.98 -8.23 27.63
C LYS D 42 27.73 -6.88 27.67
N ASP D 43 27.66 -6.05 26.62
CA ASP D 43 28.38 -4.79 26.51
C ASP D 43 27.43 -3.72 27.00
N ASP D 44 27.76 -3.11 28.10
CA ASP D 44 27.02 -1.95 28.66
C ASP D 44 26.71 -0.77 27.70
N ALA D 45 27.65 -0.41 26.84
CA ALA D 45 27.41 0.62 25.84
C ALA D 45 26.08 0.39 24.98
N ASN D 46 25.73 -0.88 24.74
CA ASN D 46 24.59 -1.22 23.91
C ASN D 46 23.34 -1.00 24.76
N ILE D 47 23.41 -1.37 26.02
CA ILE D 47 22.32 -1.17 26.97
C ILE D 47 22.04 0.29 27.21
N HIS D 48 23.07 1.10 27.31
CA HIS D 48 22.94 2.53 27.58
C HIS D 48 22.41 3.21 26.32
N ALA D 49 22.86 2.73 25.11
CA ALA D 49 22.43 3.36 23.85
C ALA D 49 20.88 3.16 23.78
N ILE D 50 20.39 1.94 24.17
CA ILE D 50 18.93 1.67 24.04
C ILE D 50 18.17 2.71 24.95
N GLN D 51 18.64 2.90 26.23
CA GLN D 51 17.95 3.78 27.15
C GLN D 51 18.00 5.20 26.54
N ARG D 52 19.13 5.70 26.04
CA ARG D 52 19.20 7.05 25.52
C ARG D 52 18.30 7.22 24.31
N ALA D 53 18.24 6.19 23.40
CA ALA D 53 17.40 6.26 22.21
C ALA D 53 15.94 6.50 22.66
N ALA D 54 15.50 5.74 23.66
CA ALA D 54 14.07 5.85 24.02
C ALA D 54 13.74 7.22 24.63
N VAL D 55 14.60 7.70 25.47
CA VAL D 55 14.53 9.01 26.11
C VAL D 55 14.53 10.05 25.02
N LEU D 56 15.36 9.91 23.98
CA LEU D 56 15.26 11.01 22.97
C LEU D 56 14.01 10.99 22.13
N LEU D 57 13.57 9.79 21.87
CA LEU D 57 12.29 9.61 21.17
C LEU D 57 11.10 10.21 21.98
N ALA D 58 10.98 9.87 23.24
CA ALA D 58 9.93 10.33 24.14
C ALA D 58 9.98 11.85 24.23
N ASP D 59 11.15 12.37 24.36
CA ASP D 59 11.34 13.83 24.56
C ASP D 59 10.89 14.53 23.31
N SER D 60 11.26 13.97 22.14
CA SER D 60 10.75 14.50 20.86
C SER D 60 9.25 14.50 20.80
N PHE D 61 8.63 13.34 21.11
CA PHE D 61 7.17 13.30 21.14
C PHE D 61 6.58 14.34 22.09
N LYS D 62 7.11 14.47 23.30
CA LYS D 62 6.65 15.47 24.24
C LYS D 62 6.75 16.86 23.69
N ALA D 63 7.76 17.16 22.87
CA ALA D 63 7.90 18.53 22.29
C ALA D 63 7.01 18.64 21.00
N GLY D 64 6.27 17.63 20.59
CA GLY D 64 5.41 17.84 19.39
C GLY D 64 6.15 17.31 18.10
N GLY D 65 7.24 16.57 18.22
CA GLY D 65 7.99 16.16 17.09
C GLY D 65 7.56 14.77 16.61
N LYS D 66 8.07 14.30 15.48
CA LYS D 66 7.70 12.92 15.03
C LYS D 66 8.98 12.22 14.70
N VAL D 67 8.84 10.89 14.55
CA VAL D 67 10.00 10.10 14.13
C VAL D 67 9.67 9.46 12.79
N LEU D 68 10.63 9.55 11.85
CA LEU D 68 10.54 8.88 10.57
C LEU D 68 11.46 7.68 10.58
N SER D 69 10.95 6.49 10.23
CA SER D 69 11.75 5.26 10.27
C SER D 69 11.83 4.75 8.86
N CYS D 70 13.01 4.12 8.64
CA CYS D 70 13.29 3.49 7.33
C CYS D 70 14.33 2.39 7.43
N GLY D 71 14.22 1.41 6.53
CA GLY D 71 15.24 0.38 6.50
C GLY D 71 14.93 -0.45 5.26
N ASN D 72 15.87 -1.25 4.80
CA ASN D 72 15.72 -2.15 3.60
C ASN D 72 15.46 -3.54 3.89
N GLY D 73 14.70 -4.23 3.04
CA GLY D 73 14.54 -5.66 3.16
C GLY D 73 13.81 -6.04 4.44
N GLY D 74 14.40 -6.91 5.19
CA GLY D 74 13.74 -7.24 6.43
C GLY D 74 13.66 -6.15 7.44
N SER D 75 14.58 -5.17 7.30
CA SER D 75 14.66 -4.03 8.22
C SER D 75 13.52 -3.11 7.98
N HIS D 76 13.01 -3.13 6.75
CA HIS D 76 11.84 -2.29 6.47
C HIS D 76 10.72 -2.63 7.40
N CYS D 77 10.47 -3.91 7.50
CA CYS D 77 9.52 -4.36 8.48
C CYS D 77 9.72 -3.91 9.85
N ASP D 78 10.94 -4.04 10.39
CA ASP D 78 11.16 -3.54 11.70
C ASP D 78 10.76 -2.03 11.75
N ALA D 79 11.14 -1.25 10.76
CA ALA D 79 10.82 0.25 10.75
C ALA D 79 9.28 0.43 10.72
N MET D 80 8.59 -0.45 10.01
CA MET D 80 7.13 -0.44 10.00
C MET D 80 6.48 -0.77 11.33
N HIS D 81 6.95 -1.82 12.01
CA HIS D 81 6.34 -2.15 13.28
C HIS D 81 6.62 -1.05 14.33
N PHE D 82 7.84 -0.54 14.34
CA PHE D 82 8.16 0.53 15.21
C PHE D 82 7.16 1.72 15.03
N ALA D 83 7.03 2.17 13.80
CA ALA D 83 6.21 3.36 13.54
C ALA D 83 4.77 3.09 13.81
N GLU D 84 4.20 1.96 13.38
CA GLU D 84 2.78 1.70 13.60
C GLU D 84 2.40 1.49 15.04
N GLU D 85 3.19 0.76 15.78
CA GLU D 85 2.97 0.63 17.25
C GLU D 85 2.95 1.98 17.94
N LEU D 86 3.96 2.74 17.70
CA LEU D 86 4.03 4.09 18.34
C LEU D 86 2.80 4.92 17.91
N THR D 87 2.52 5.07 16.59
CA THR D 87 1.34 5.96 16.18
C THR D 87 0.04 5.41 16.75
N GLY D 88 -0.07 4.06 16.81
CA GLY D 88 -1.28 3.42 17.42
C GLY D 88 -1.44 3.83 18.89
N ARG D 89 -0.34 3.90 19.64
CA ARG D 89 -0.45 4.23 21.09
C ARG D 89 -0.63 5.71 21.36
N TYR D 90 0.01 6.65 20.60
CA TYR D 90 -0.03 8.05 20.88
C TYR D 90 -0.79 8.93 19.98
N ARG D 91 -1.36 8.40 18.89
CA ARG D 91 -2.13 9.32 18.04
C ARG D 91 -3.32 10.03 18.74
N GLU D 92 -4.06 9.28 19.51
CA GLU D 92 -5.26 9.89 20.10
C GLU D 92 -4.99 11.19 20.96
N ASN D 93 -5.79 12.20 20.70
CA ASN D 93 -5.58 13.51 21.35
C ASN D 93 -4.21 14.23 21.13
N ARG D 94 -3.59 14.10 19.94
CA ARG D 94 -2.31 14.74 19.67
C ARG D 94 -2.34 14.93 18.19
N PRO D 95 -2.01 16.15 17.75
CA PRO D 95 -2.06 16.42 16.31
C PRO D 95 -0.99 15.55 15.53
N GLY D 96 -1.18 15.33 14.24
CA GLY D 96 -0.18 14.73 13.47
C GLY D 96 -0.02 13.23 13.77
N TYR D 97 1.10 12.68 13.31
CA TYR D 97 1.46 11.29 13.51
C TYR D 97 2.73 11.24 14.35
N PRO D 98 2.72 10.43 15.43
CA PRO D 98 3.90 10.28 16.24
C PRO D 98 5.03 9.69 15.33
N ALA D 99 4.74 8.67 14.46
CA ALA D 99 5.85 7.95 13.76
C ALA D 99 5.34 7.59 12.37
N ILE D 100 6.20 7.77 11.40
CA ILE D 100 5.81 7.32 10.04
C ILE D 100 6.98 6.46 9.49
N ALA D 101 6.70 5.29 8.84
CA ALA D 101 7.74 4.49 8.28
C ALA D 101 7.73 4.89 6.80
N ILE D 102 8.89 5.18 6.27
CA ILE D 102 9.02 5.59 4.87
C ILE D 102 8.94 4.41 3.91
N SER D 103 7.99 4.42 2.99
CA SER D 103 7.71 3.45 1.89
C SER D 103 6.53 2.51 2.30
N ASN D 118 18.27 5.58 -4.91
CA ASN D 118 18.90 5.85 -3.51
C ASN D 118 18.30 7.08 -2.69
N ASP D 119 17.37 7.81 -3.30
CA ASP D 119 16.78 8.99 -2.68
C ASP D 119 15.36 8.65 -2.22
N ILE D 120 14.98 7.37 -2.12
CA ILE D 120 13.66 7.12 -1.70
C ILE D 120 13.35 7.59 -0.24
N PHE D 121 14.35 7.47 0.70
CA PHE D 121 14.16 7.92 2.06
C PHE D 121 14.54 9.38 2.16
N SER D 122 15.59 9.84 1.45
CA SER D 122 15.99 11.32 1.62
C SER D 122 14.94 12.21 1.09
N ARG D 123 14.31 11.88 -0.05
CA ARG D 123 13.31 12.76 -0.56
C ARG D 123 12.12 12.91 0.39
N TYR D 124 11.77 11.81 1.10
CA TYR D 124 10.73 11.97 2.07
C TYR D 124 11.08 12.81 3.25
N VAL D 125 12.29 12.66 3.76
CA VAL D 125 12.82 13.48 4.85
C VAL D 125 12.77 15.01 4.35
N GLU D 126 13.28 15.29 3.10
CA GLU D 126 13.30 16.60 2.55
C GLU D 126 11.84 17.12 2.52
N ALA D 127 10.82 16.31 2.14
CA ALA D 127 9.43 16.76 1.95
C ALA D 127 8.70 16.94 3.24
N VAL D 128 9.06 16.23 4.33
CA VAL D 128 8.21 16.32 5.57
C VAL D 128 8.98 16.56 6.90
N GLY D 129 10.35 16.46 6.90
CA GLY D 129 11.08 16.55 8.19
C GLY D 129 11.04 17.98 8.72
N ARG D 130 11.01 18.13 10.01
CA ARG D 130 11.11 19.41 10.67
C ARG D 130 12.17 19.38 11.80
N GLU D 131 12.71 20.56 12.16
CA GLU D 131 13.63 20.62 13.21
C GLU D 131 12.95 19.99 14.44
N GLY D 132 13.69 19.25 15.20
CA GLY D 132 13.09 18.64 16.36
C GLY D 132 12.57 17.16 16.09
N ASP D 133 12.27 16.81 14.80
CA ASP D 133 11.92 15.39 14.48
C ASP D 133 13.09 14.56 14.63
N VAL D 134 12.87 13.26 14.33
CA VAL D 134 13.97 12.28 14.55
C VAL D 134 13.91 11.27 13.45
N LEU D 135 15.09 10.93 12.92
CA LEU D 135 15.17 9.81 11.92
C LEU D 135 15.67 8.58 12.58
N LEU D 136 14.93 7.49 12.45
CA LEU D 136 15.50 6.23 12.89
C LEU D 136 15.88 5.46 11.59
N GLY D 137 17.20 5.27 11.33
CA GLY D 137 17.67 4.56 10.14
C GLY D 137 18.17 3.18 10.52
N ILE D 138 17.71 2.13 9.85
CA ILE D 138 18.08 0.82 10.21
C ILE D 138 18.93 0.23 9.10
N SER D 139 20.12 -0.33 9.39
CA SER D 139 20.91 -0.89 8.35
C SER D 139 21.84 -1.93 9.04
N THR D 140 21.69 -3.16 8.66
CA THR D 140 22.41 -4.22 9.33
C THR D 140 23.91 -4.09 9.05
N SER D 141 24.32 -3.60 7.89
CA SER D 141 25.74 -3.49 7.61
C SER D 141 26.28 -2.10 7.89
N GLY D 142 25.38 -1.11 7.98
CA GLY D 142 25.77 0.29 8.12
C GLY D 142 26.18 0.90 6.79
N ASN D 143 25.96 0.20 5.65
CA ASN D 143 26.44 0.78 4.38
C ASN D 143 25.26 1.05 3.51
N SER D 144 23.99 0.92 3.92
CA SER D 144 22.81 1.30 3.07
C SER D 144 22.88 2.67 2.59
N ALA D 145 23.02 2.80 1.26
CA ALA D 145 23.15 4.10 0.60
C ALA D 145 21.92 5.01 0.79
N ASN D 146 20.77 4.39 0.66
CA ASN D 146 19.51 5.16 0.88
C ASN D 146 19.28 5.67 2.35
N VAL D 147 19.83 4.94 3.32
CA VAL D 147 19.82 5.38 4.72
C VAL D 147 20.79 6.47 5.02
N ILE D 148 21.97 6.31 4.37
CA ILE D 148 22.98 7.30 4.46
C ILE D 148 22.48 8.63 3.94
N LYS D 149 21.82 8.54 2.74
CA LYS D 149 21.33 9.83 2.20
C LYS D 149 20.19 10.45 3.10
N ALA D 150 19.37 9.60 3.71
CA ALA D 150 18.30 10.07 4.54
C ALA D 150 18.96 10.79 5.75
N ILE D 151 20.03 10.22 6.26
CA ILE D 151 20.75 10.86 7.39
C ILE D 151 21.23 12.28 7.11
N ALA D 152 21.74 12.50 5.86
CA ALA D 152 22.29 13.76 5.45
C ALA D 152 21.07 14.75 5.34
N ALA D 153 19.92 14.29 4.74
CA ALA D 153 18.69 15.13 4.64
C ALA D 153 18.23 15.52 6.03
N ALA D 154 18.26 14.59 6.95
CA ALA D 154 17.87 14.78 8.38
C ALA D 154 18.68 15.96 8.96
N ARG D 155 20.03 15.93 8.76
CA ARG D 155 20.93 16.98 9.32
C ARG D 155 20.54 18.31 8.67
N GLU D 156 20.19 18.25 7.34
CA GLU D 156 19.81 19.51 6.72
C GLU D 156 18.62 20.11 7.30
N LYS D 157 17.66 19.30 7.82
CA LYS D 157 16.42 19.88 8.43
C LYS D 157 16.61 20.11 9.94
N GLY D 158 17.77 19.84 10.53
CA GLY D 158 17.91 20.07 11.96
C GLY D 158 17.34 18.95 12.86
N MET D 159 17.23 17.69 12.32
CA MET D 159 16.63 16.52 13.02
C MET D 159 17.73 15.73 13.69
N LYS D 160 17.35 15.05 14.76
CA LYS D 160 18.27 14.12 15.42
C LYS D 160 18.26 12.80 14.71
N VAL D 161 19.25 11.90 15.04
CA VAL D 161 19.44 10.71 14.24
C VAL D 161 19.80 9.51 15.18
N ILE D 162 18.97 8.45 15.10
CA ILE D 162 19.11 7.18 15.89
C ILE D 162 19.32 6.13 14.78
N THR D 163 20.32 5.28 14.98
CA THR D 163 20.44 4.21 14.00
C THR D 163 20.63 2.84 14.68
N LEU D 164 20.09 1.80 13.95
CA LEU D 164 20.16 0.47 14.36
C LEU D 164 21.13 -0.20 13.38
N THR D 165 22.31 -0.65 13.89
CA THR D 165 23.33 -1.15 12.94
C THR D 165 23.87 -2.45 13.30
N GLY D 166 24.98 -2.81 12.62
CA GLY D 166 25.59 -4.11 12.87
C GLY D 166 27.05 -3.97 12.50
N LYS D 167 27.84 -5.07 12.67
CA LYS D 167 29.26 -5.16 12.34
C LYS D 167 29.94 -3.92 12.96
N ASP D 168 30.82 -3.27 12.19
CA ASP D 168 31.57 -2.14 12.70
C ASP D 168 30.71 -0.82 12.56
N GLY D 169 29.43 -0.87 12.06
CA GLY D 169 28.74 0.42 11.89
C GLY D 169 29.01 0.89 10.46
N GLY D 170 29.92 0.29 9.69
CA GLY D 170 30.13 0.57 8.32
C GLY D 170 30.24 2.09 8.06
N LYS D 171 29.84 2.50 6.91
CA LYS D 171 30.04 3.93 6.46
C LYS D 171 29.20 4.88 7.34
N MET D 172 28.10 4.36 7.91
CA MET D 172 27.17 5.15 8.72
C MET D 172 27.89 5.46 10.06
N ALA D 173 28.89 4.64 10.48
CA ALA D 173 29.42 4.87 11.87
C ALA D 173 29.85 6.35 12.10
N GLY D 174 29.53 6.94 13.21
CA GLY D 174 29.80 8.31 13.42
C GLY D 174 28.79 9.30 13.02
N THR D 175 27.85 8.94 12.10
CA THR D 175 26.97 10.03 11.65
C THR D 175 25.64 10.12 12.39
N ALA D 176 25.44 9.29 13.42
CA ALA D 176 24.11 9.26 14.21
C ALA D 176 24.40 9.98 15.52
N ASP D 177 23.34 10.50 16.13
CA ASP D 177 23.49 11.02 17.46
C ASP D 177 23.55 9.84 18.46
N ILE D 178 22.82 8.81 18.12
CA ILE D 178 22.84 7.63 19.01
C ILE D 178 22.77 6.39 18.07
N GLU D 179 23.77 5.51 18.21
CA GLU D 179 23.76 4.32 17.36
C GLU D 179 23.70 3.04 18.21
N ILE D 180 22.81 2.12 17.91
CA ILE D 180 22.74 0.89 18.68
C ILE D 180 23.37 -0.17 17.69
N ARG D 181 24.60 -0.64 17.97
CA ARG D 181 25.24 -1.48 17.03
C ARG D 181 25.40 -2.93 17.52
N VAL D 182 24.97 -3.87 16.70
CA VAL D 182 24.95 -5.25 17.05
C VAL D 182 26.34 -5.79 16.70
N PRO D 183 27.11 -6.29 17.76
CA PRO D 183 28.46 -6.71 17.39
C PRO D 183 28.44 -8.10 16.67
N HIS D 184 27.89 -8.19 15.48
CA HIS D 184 27.89 -9.44 14.76
C HIS D 184 28.43 -9.10 13.38
N PHE D 185 29.40 -9.95 12.85
CA PHE D 185 30.16 -9.57 11.68
C PHE D 185 29.88 -10.60 10.59
N GLY D 186 28.90 -11.47 10.77
CA GLY D 186 28.51 -12.41 9.72
C GLY D 186 27.37 -11.91 8.86
N TYR D 187 26.43 -12.86 8.54
CA TYR D 187 25.23 -12.57 7.70
C TYR D 187 24.19 -11.73 8.46
N ALA D 188 23.42 -10.95 7.69
CA ALA D 188 22.47 -9.99 8.25
C ALA D 188 21.38 -10.57 9.18
N ASP D 189 20.85 -11.75 8.89
CA ASP D 189 19.80 -12.41 9.68
C ASP D 189 20.04 -12.23 11.23
N ARG D 190 21.22 -12.51 11.66
CA ARG D 190 21.39 -12.47 13.12
C ARG D 190 21.26 -11.04 13.70
N ILE D 191 21.69 -10.03 12.91
CA ILE D 191 21.59 -8.64 13.30
C ILE D 191 20.16 -8.18 13.34
N GLN D 192 19.43 -8.49 12.26
CA GLN D 192 17.99 -8.16 12.20
C GLN D 192 17.24 -8.71 13.41
N GLU D 193 17.60 -9.97 13.79
CA GLU D 193 16.81 -10.58 14.93
C GLU D 193 17.08 -9.86 16.19
N ILE D 194 18.25 -9.23 16.40
CA ILE D 194 18.46 -8.40 17.61
C ILE D 194 17.77 -7.06 17.45
N HIS D 195 17.78 -6.51 16.22
CA HIS D 195 17.08 -5.23 15.98
C HIS D 195 15.61 -5.27 16.39
N ILE D 196 14.89 -6.34 16.04
CA ILE D 196 13.53 -6.40 16.41
C ILE D 196 13.37 -6.51 17.91
N LYS D 197 14.31 -7.11 18.62
CA LYS D 197 14.21 -7.16 20.10
C LYS D 197 14.37 -5.71 20.63
N VAL D 198 15.35 -5.02 20.06
CA VAL D 198 15.59 -3.56 20.42
C VAL D 198 14.37 -2.68 20.19
N ILE D 199 13.71 -2.85 19.04
CA ILE D 199 12.47 -2.18 18.78
C ILE D 199 11.38 -2.48 19.82
N HIS D 200 11.21 -3.72 20.18
CA HIS D 200 10.20 -4.13 21.20
C HIS D 200 10.47 -3.50 22.56
N ILE D 201 11.74 -3.36 22.87
CA ILE D 201 12.15 -2.71 24.16
C ILE D 201 12.09 -1.20 24.13
N LEU D 202 12.43 -0.58 23.00
CA LEU D 202 12.26 0.88 22.85
C LEU D 202 10.82 1.18 23.13
N ILE D 203 9.92 0.36 22.51
CA ILE D 203 8.44 0.70 22.57
C ILE D 203 8.10 0.70 24.06
N GLN D 204 8.62 -0.31 24.77
CA GLN D 204 8.38 -0.39 26.27
C GLN D 204 8.86 0.80 27.03
N LEU D 205 10.12 1.18 26.75
CA LEU D 205 10.73 2.25 27.49
C LEU D 205 10.10 3.57 27.14
N ILE D 206 9.65 3.76 25.87
CA ILE D 206 9.08 5.04 25.51
C ILE D 206 7.74 5.14 26.28
N GLU D 207 7.02 4.04 26.45
CA GLU D 207 5.76 4.05 27.22
C GLU D 207 5.96 4.53 28.67
N LYS D 208 6.97 4.12 29.37
CA LYS D 208 7.35 4.61 30.69
C LYS D 208 7.72 6.09 30.63
N GLU D 209 8.52 6.53 29.69
CA GLU D 209 8.77 7.92 29.52
C GLU D 209 7.55 8.77 29.27
N MET D 210 6.61 8.26 28.52
CA MET D 210 5.48 9.05 28.11
C MET D 210 4.52 9.14 29.24
N VAL D 211 4.43 8.15 30.13
CA VAL D 211 3.45 8.35 31.19
C VAL D 211 4.11 9.03 32.43
N LYS D 212 5.36 9.45 32.29
CA LYS D 212 6.05 10.20 33.32
C LYS D 212 5.66 11.68 33.29
#